data_8RG6
#
_entry.id   8RG6
#
_cell.length_a   48.510
_cell.length_b   134.290
_cell.length_c   145.020
_cell.angle_alpha   90.00
_cell.angle_beta   90.00
_cell.angle_gamma   90.00
#
_symmetry.space_group_name_H-M   'P 21 21 21'
#
loop_
_entity.id
_entity.type
_entity.pdbx_description
1 polymer 'Arginase-2, mitochondrial'
2 non-polymer 'MANGANESE (II) ION'
3 non-polymer '(2~{S},3~{R})-3-[3-(dihydroxyboranyl)propyl]pyrrolidine-2-carboxylic acid'
4 water water
#
_entity_poly.entity_id   1
_entity_poly.type   'polypeptide(L)'
_entity_poly.pdbx_seq_one_letter_code
;MHHHHHHGGGENLYFQSVHSVAVIGAPFSQGQKRKGVEHGPAAIREAGLMKRLSSLGCHLKDFGDLSFTPVPKDDLYNNL
IVNPRSVGLANQELAEVVSRAVSDGYSCVTLGGDHSLAIGTISGHARHCPDLCVVWVDAHADINTPLTTSSGNLHGQPVS
FLLRELQDKVPQLPGFSWIKPCISSASIVYIGLRDVDPPEHFILKNYDIQYFSMRDIDRLGIQKVMERTFDLLIGKRQRP
IHLSFDIDAFDPTLAPATGTPVVGGLTYREGMYIAEEIHNTGLLSALDLVEVNPQLATSEEEAKTTANLAVDVIASSFGQ
TREGGHIVYDQLPTPS
;
_entity_poly.pdbx_strand_id   A,B,C
#
loop_
_chem_comp.id
_chem_comp.type
_chem_comp.name
_chem_comp.formula
A1H0B non-polymer '(2~{S},3~{R})-3-[3-(dihydroxyboranyl)propyl]pyrrolidine-2-carboxylic acid' 'C8 H16 B N O4'
MN non-polymer 'MANGANESE (II) ION' 'Mn 2'
#
# COMPACT_ATOMS: atom_id res chain seq x y z
N VAL A 18 31.49 -3.00 -9.98
CA VAL A 18 32.07 -1.67 -10.15
C VAL A 18 31.46 -0.98 -11.40
N HIS A 19 31.01 0.28 -11.23
CA HIS A 19 30.39 1.06 -12.32
C HIS A 19 31.04 2.44 -12.43
N SER A 20 31.30 2.88 -13.66
CA SER A 20 31.79 4.23 -13.90
C SER A 20 30.55 5.11 -14.01
N VAL A 21 30.38 6.04 -13.07
CA VAL A 21 29.20 6.88 -12.97
C VAL A 21 29.52 8.38 -13.03
N ALA A 22 28.92 9.08 -14.01
CA ALA A 22 29.05 10.53 -14.10
C ALA A 22 27.80 11.16 -13.53
N VAL A 23 27.94 12.29 -12.82
CA VAL A 23 26.82 13.03 -12.25
C VAL A 23 26.77 14.45 -12.79
N ILE A 24 25.61 14.86 -13.31
CA ILE A 24 25.40 16.20 -13.85
C ILE A 24 24.17 16.79 -13.20
N GLY A 25 24.33 17.97 -12.60
CA GLY A 25 23.23 18.72 -12.03
C GLY A 25 22.68 19.64 -13.09
N ALA A 26 21.37 19.56 -13.36
CA ALA A 26 20.70 20.42 -14.34
C ALA A 26 19.62 21.28 -13.66
N PRO A 27 20.04 22.40 -12.98
CA PRO A 27 19.07 23.26 -12.27
C PRO A 27 18.22 24.12 -13.20
N PHE A 28 17.26 23.50 -13.90
CA PHE A 28 16.43 24.16 -14.89
C PHE A 28 14.94 24.05 -14.61
N SER A 29 14.22 25.18 -14.72
CA SER A 29 12.79 25.22 -14.41
C SER A 29 11.86 25.73 -15.52
N GLN A 30 12.38 26.27 -16.64
CA GLN A 30 11.59 26.86 -17.74
C GLN A 30 10.68 25.91 -18.54
N GLY A 31 10.73 24.61 -18.24
CA GLY A 31 9.84 23.63 -18.89
C GLY A 31 8.47 23.61 -18.25
N GLN A 32 8.31 24.35 -17.14
CA GLN A 32 7.06 24.47 -16.38
C GLN A 32 6.95 25.81 -15.62
N LYS A 33 5.79 26.09 -14.97
CA LYS A 33 5.49 27.39 -14.33
C LYS A 33 5.81 27.51 -12.84
N ARG A 34 5.85 26.40 -12.07
CA ARG A 34 6.14 26.46 -10.63
C ARG A 34 7.62 26.68 -10.35
N LYS A 35 7.95 27.67 -9.52
CA LYS A 35 9.35 27.92 -9.17
C LYS A 35 9.82 26.95 -8.07
N GLY A 36 11.10 26.60 -8.10
CA GLY A 36 11.71 25.74 -7.10
C GLY A 36 12.32 24.44 -7.56
N VAL A 37 11.89 23.89 -8.73
CA VAL A 37 12.41 22.62 -9.29
C VAL A 37 13.91 22.73 -9.62
N GLU A 38 14.40 23.99 -9.83
CA GLU A 38 15.83 24.28 -10.07
C GLU A 38 16.71 23.91 -8.85
N HIS A 39 16.10 23.77 -7.66
CA HIS A 39 16.79 23.39 -6.42
C HIS A 39 16.84 21.86 -6.20
N GLY A 40 16.18 21.12 -7.10
CA GLY A 40 16.20 19.67 -7.08
C GLY A 40 17.60 19.09 -7.03
N PRO A 41 18.55 19.49 -7.92
CA PRO A 41 19.90 18.91 -7.84
C PRO A 41 20.57 19.13 -6.48
N ALA A 42 20.42 20.33 -5.89
CA ALA A 42 20.97 20.65 -4.56
C ALA A 42 20.37 19.71 -3.48
N ALA A 43 19.03 19.58 -3.46
CA ALA A 43 18.28 18.71 -2.53
C ALA A 43 18.76 17.26 -2.60
N ILE A 44 18.94 16.71 -3.83
CA ILE A 44 19.40 15.34 -4.02
C ILE A 44 20.85 15.16 -3.51
N ARG A 45 21.73 16.13 -3.79
CA ARG A 45 23.14 16.10 -3.36
C ARG A 45 23.26 16.14 -1.83
N GLU A 46 22.45 17.00 -1.18
CA GLU A 46 22.37 17.19 0.28
C GLU A 46 21.82 15.93 0.97
N ALA A 47 21.01 15.14 0.23
CA ALA A 47 20.49 13.88 0.74
C ALA A 47 21.56 12.77 0.72
N GLY A 48 22.76 13.11 0.27
CA GLY A 48 23.93 12.21 0.30
C GLY A 48 24.16 11.33 -0.91
N LEU A 49 23.77 11.80 -2.11
CA LEU A 49 23.93 11.03 -3.36
C LEU A 49 25.35 10.48 -3.58
N MET A 50 26.38 11.35 -3.59
CA MET A 50 27.76 10.93 -3.91
C MET A 50 28.32 9.89 -2.92
N LYS A 51 28.07 10.08 -1.62
CA LYS A 51 28.50 9.15 -0.57
C LYS A 51 27.88 7.74 -0.78
N ARG A 52 26.57 7.69 -1.11
CA ARG A 52 25.87 6.43 -1.38
C ARG A 52 26.45 5.70 -2.58
N LEU A 53 26.68 6.40 -3.70
CA LEU A 53 27.25 5.79 -4.89
C LEU A 53 28.69 5.31 -4.62
N SER A 54 29.47 6.10 -3.85
CA SER A 54 30.84 5.73 -3.41
C SER A 54 30.80 4.41 -2.64
N SER A 55 29.85 4.30 -1.67
CA SER A 55 29.68 3.11 -0.83
C SER A 55 29.31 1.85 -1.63
N LEU A 56 28.77 2.00 -2.87
CA LEU A 56 28.44 0.84 -3.73
C LEU A 56 29.62 0.46 -4.65
N GLY A 57 30.74 1.15 -4.52
CA GLY A 57 31.94 0.90 -5.31
C GLY A 57 31.98 1.60 -6.66
N CYS A 58 31.15 2.65 -6.86
CA CYS A 58 31.13 3.39 -8.12
C CYS A 58 32.36 4.29 -8.28
N HIS A 59 32.95 4.27 -9.50
CA HIS A 59 34.05 5.15 -9.87
C HIS A 59 33.32 6.39 -10.36
N LEU A 60 33.39 7.48 -9.60
CA LEU A 60 32.59 8.67 -9.90
C LEU A 60 33.32 9.81 -10.59
N LYS A 61 32.54 10.61 -11.34
CA LYS A 61 32.96 11.85 -11.98
C LYS A 61 31.84 12.87 -11.80
N ASP A 62 32.11 13.92 -11.03
CA ASP A 62 31.10 14.95 -10.81
C ASP A 62 31.33 16.11 -11.80
N PHE A 63 30.36 16.34 -12.70
CA PHE A 63 30.45 17.45 -13.67
C PHE A 63 29.91 18.76 -13.06
N GLY A 64 29.42 18.68 -11.82
CA GLY A 64 28.84 19.79 -11.07
C GLY A 64 27.44 20.12 -11.55
N ASP A 65 26.96 21.31 -11.18
CA ASP A 65 25.64 21.81 -11.56
C ASP A 65 25.82 22.85 -12.65
N LEU A 66 25.26 22.56 -13.83
CA LEU A 66 25.38 23.41 -15.02
C LEU A 66 24.74 24.77 -14.88
N SER A 67 25.38 25.80 -15.45
CA SER A 67 24.88 27.17 -15.46
C SER A 67 24.38 27.43 -16.88
N PHE A 68 23.09 27.23 -17.08
CA PHE A 68 22.46 27.37 -18.40
C PHE A 68 22.46 28.82 -18.88
N THR A 69 22.86 29.03 -20.16
CA THR A 69 22.91 30.35 -20.80
C THR A 69 21.48 30.89 -20.86
N PRO A 70 21.18 32.01 -20.17
CA PRO A 70 19.81 32.52 -20.19
C PRO A 70 19.46 33.26 -21.48
N VAL A 71 18.16 33.25 -21.85
CA VAL A 71 17.66 33.95 -23.02
C VAL A 71 16.77 35.09 -22.48
N PRO A 72 17.17 36.38 -22.64
CA PRO A 72 16.39 37.48 -22.06
C PRO A 72 15.00 37.67 -22.67
N LYS A 73 14.91 37.74 -24.01
CA LYS A 73 13.65 37.90 -24.73
C LYS A 73 13.18 36.51 -25.16
N ASP A 74 12.19 35.97 -24.44
CA ASP A 74 11.63 34.64 -24.65
C ASP A 74 10.18 34.55 -24.13
N ASP A 75 9.28 35.32 -24.73
CA ASP A 75 7.89 35.28 -24.30
C ASP A 75 7.07 34.28 -25.11
N LEU A 76 5.82 34.07 -24.69
CA LEU A 76 4.81 33.16 -25.23
C LEU A 76 4.83 33.10 -26.76
N TYR A 77 4.95 31.86 -27.29
CA TYR A 77 5.00 31.61 -28.73
C TYR A 77 3.65 31.08 -29.20
N ASN A 78 3.06 31.77 -30.19
CA ASN A 78 1.73 31.46 -30.75
C ASN A 78 0.64 31.42 -29.66
N ASN A 79 0.78 32.30 -28.64
CA ASN A 79 -0.13 32.45 -27.51
C ASN A 79 -0.33 31.10 -26.76
N LEU A 80 0.72 30.25 -26.78
CA LEU A 80 0.66 28.93 -26.16
C LEU A 80 1.98 28.44 -25.56
N ILE A 81 3.03 28.26 -26.39
CA ILE A 81 4.30 27.68 -25.94
C ILE A 81 5.08 28.65 -25.04
N VAL A 82 5.41 28.17 -23.82
CA VAL A 82 6.12 28.91 -22.77
C VAL A 82 7.63 28.68 -22.85
N ASN A 83 8.40 29.78 -22.86
CA ASN A 83 9.88 29.81 -22.92
C ASN A 83 10.51 28.81 -23.93
N PRO A 84 10.11 28.77 -25.24
CA PRO A 84 10.73 27.81 -26.16
C PRO A 84 12.24 28.01 -26.35
N ARG A 85 12.68 29.27 -26.55
CA ARG A 85 14.10 29.58 -26.74
C ARG A 85 14.99 29.12 -25.57
N SER A 86 14.59 29.41 -24.30
CA SER A 86 15.34 29.00 -23.10
C SER A 86 15.38 27.48 -22.95
N VAL A 87 14.24 26.79 -23.20
CA VAL A 87 14.20 25.32 -23.10
C VAL A 87 15.08 24.67 -24.17
N GLY A 88 14.97 25.16 -25.40
CA GLY A 88 15.75 24.66 -26.53
C GLY A 88 17.25 24.80 -26.31
N LEU A 89 17.67 25.97 -25.78
CA LEU A 89 19.08 26.27 -25.57
C LEU A 89 19.68 25.49 -24.40
N ALA A 90 18.98 25.46 -23.23
CA ALA A 90 19.45 24.70 -22.07
C ALA A 90 19.61 23.23 -22.42
N ASN A 91 18.65 22.65 -23.18
CA ASN A 91 18.72 21.26 -23.64
C ASN A 91 19.86 21.02 -24.64
N GLN A 92 20.17 22.01 -25.50
CA GLN A 92 21.29 21.87 -26.44
C GLN A 92 22.60 21.79 -25.65
N GLU A 93 22.75 22.64 -24.64
CA GLU A 93 23.93 22.69 -23.75
C GLU A 93 24.07 21.41 -22.92
N LEU A 94 22.93 20.91 -22.39
CA LEU A 94 22.91 19.67 -21.64
C LEU A 94 23.31 18.48 -22.52
N ALA A 95 22.79 18.42 -23.78
CA ALA A 95 23.14 17.34 -24.73
C ALA A 95 24.67 17.22 -24.92
N GLU A 96 25.36 18.39 -24.94
CA GLU A 96 26.82 18.42 -25.08
C GLU A 96 27.54 17.76 -23.89
N VAL A 97 27.10 18.09 -22.66
CA VAL A 97 27.68 17.54 -21.41
C VAL A 97 27.41 16.01 -21.29
N VAL A 98 26.16 15.59 -21.57
CA VAL A 98 25.80 14.16 -21.55
C VAL A 98 26.64 13.38 -22.59
N SER A 99 26.79 13.95 -23.81
CA SER A 99 27.58 13.36 -24.89
C SER A 99 29.03 13.14 -24.42
N ARG A 100 29.61 14.15 -23.76
CA ARG A 100 30.96 14.10 -23.19
C ARG A 100 31.10 12.96 -22.17
N ALA A 101 30.13 12.82 -21.24
CA ALA A 101 30.17 11.77 -20.22
C ALA A 101 30.07 10.36 -20.81
N VAL A 102 29.13 10.14 -21.75
CA VAL A 102 28.90 8.86 -22.40
C VAL A 102 30.11 8.43 -23.28
N SER A 103 30.68 9.38 -24.05
CA SER A 103 31.84 9.10 -24.90
C SER A 103 33.07 8.76 -24.06
N ASP A 104 33.14 9.31 -22.83
CA ASP A 104 34.21 9.00 -21.86
C ASP A 104 34.02 7.65 -21.10
N GLY A 105 32.92 6.93 -21.38
CA GLY A 105 32.66 5.62 -20.80
C GLY A 105 31.89 5.57 -19.49
N TYR A 106 31.22 6.66 -19.14
CA TYR A 106 30.44 6.74 -17.91
C TYR A 106 28.95 6.50 -18.13
N SER A 107 28.32 5.88 -17.12
CA SER A 107 26.86 5.76 -17.04
C SER A 107 26.45 7.16 -16.53
N CYS A 108 25.65 7.89 -17.31
CA CYS A 108 25.36 9.28 -17.03
C CYS A 108 24.10 9.55 -16.21
N VAL A 109 24.30 10.07 -14.97
CA VAL A 109 23.21 10.45 -14.07
C VAL A 109 22.94 11.96 -14.15
N THR A 110 21.74 12.35 -14.61
CA THR A 110 21.37 13.77 -14.66
C THR A 110 20.31 14.05 -13.60
N LEU A 111 20.54 15.08 -12.78
CA LEU A 111 19.63 15.50 -11.72
C LEU A 111 18.86 16.72 -12.18
N GLY A 112 17.55 16.62 -12.17
CA GLY A 112 16.69 17.72 -12.57
C GLY A 112 16.22 18.55 -11.38
N GLY A 113 15.49 19.65 -11.61
CA GLY A 113 15.12 20.15 -12.93
C GLY A 113 13.86 19.50 -13.45
N ASP A 114 13.13 20.22 -14.32
CA ASP A 114 11.89 19.70 -14.87
C ASP A 114 12.17 18.64 -15.96
N HIS A 115 11.12 17.88 -16.35
CA HIS A 115 11.32 16.79 -17.30
C HIS A 115 11.57 17.22 -18.76
N SER A 116 11.48 18.54 -19.10
CA SER A 116 11.83 18.98 -20.48
C SER A 116 13.31 18.65 -20.74
N LEU A 117 14.11 18.47 -19.65
CA LEU A 117 15.54 18.12 -19.69
C LEU A 117 15.83 16.78 -20.31
N ALA A 118 14.80 15.89 -20.47
CA ALA A 118 15.03 14.62 -21.17
C ALA A 118 15.31 14.88 -22.67
N ILE A 119 14.89 16.06 -23.22
CA ILE A 119 15.21 16.40 -24.62
C ILE A 119 16.77 16.40 -24.76
N GLY A 120 17.45 17.03 -23.80
CA GLY A 120 18.89 17.13 -23.77
C GLY A 120 19.62 15.85 -23.43
N THR A 121 19.17 15.13 -22.38
CA THR A 121 19.84 13.91 -21.97
C THR A 121 19.73 12.79 -22.99
N ILE A 122 18.51 12.59 -23.57
CA ILE A 122 18.30 11.53 -24.56
C ILE A 122 19.06 11.88 -25.88
N SER A 123 18.97 13.14 -26.33
CA SER A 123 19.69 13.60 -27.54
C SER A 123 21.21 13.39 -27.38
N GLY A 124 21.74 13.75 -26.21
CA GLY A 124 23.16 13.60 -25.89
C GLY A 124 23.62 12.16 -25.90
N HIS A 125 22.80 11.27 -25.28
CA HIS A 125 23.05 9.84 -25.20
C HIS A 125 22.98 9.17 -26.59
N ALA A 126 21.98 9.56 -27.43
CA ALA A 126 21.79 8.96 -28.75
C ALA A 126 22.95 9.28 -29.72
N ARG A 127 23.76 10.29 -29.40
CA ARG A 127 24.93 10.67 -30.22
C ARG A 127 26.02 9.61 -30.18
N HIS A 128 25.91 8.63 -29.23
CA HIS A 128 26.89 7.56 -29.05
C HIS A 128 26.26 6.19 -29.03
N CYS A 129 24.93 6.12 -28.86
CA CYS A 129 24.18 4.87 -28.77
C CYS A 129 23.05 4.83 -29.83
N PRO A 130 23.34 4.34 -31.05
CA PRO A 130 22.30 4.32 -32.10
C PRO A 130 21.12 3.41 -31.77
N ASP A 131 21.39 2.37 -30.96
CA ASP A 131 20.36 1.45 -30.61
C ASP A 131 19.86 1.66 -29.18
N LEU A 132 19.94 2.90 -28.65
CA LEU A 132 19.43 3.10 -27.29
C LEU A 132 17.92 2.82 -27.18
N CYS A 133 17.50 2.40 -25.98
CA CYS A 133 16.08 2.25 -25.68
C CYS A 133 15.80 3.06 -24.40
N VAL A 134 14.53 3.39 -24.18
CA VAL A 134 14.16 4.27 -23.07
C VAL A 134 13.10 3.63 -22.18
N VAL A 135 13.30 3.71 -20.85
CA VAL A 135 12.28 3.29 -19.88
C VAL A 135 11.91 4.61 -19.22
N TRP A 136 10.65 5.04 -19.37
CA TRP A 136 10.17 6.34 -18.91
C TRP A 136 9.22 6.06 -17.74
N VAL A 137 9.68 6.36 -16.53
CA VAL A 137 8.92 6.08 -15.30
C VAL A 137 8.33 7.37 -14.81
N ASP A 138 6.99 7.49 -14.90
CA ASP A 138 6.32 8.77 -14.66
C ASP A 138 4.81 8.58 -14.49
N ALA A 139 4.14 9.52 -13.81
CA ALA A 139 2.69 9.52 -13.74
C ALA A 139 2.12 10.00 -15.10
N HIS A 140 2.98 10.64 -15.90
CA HIS A 140 2.62 11.31 -17.17
C HIS A 140 3.40 10.79 -18.38
N ALA A 141 2.79 10.90 -19.58
CA ALA A 141 3.44 10.45 -20.81
C ALA A 141 4.40 11.50 -21.38
N ASP A 142 4.20 12.81 -21.06
CA ASP A 142 5.09 13.89 -21.53
C ASP A 142 5.26 13.83 -23.06
N ILE A 143 4.19 13.46 -23.76
CA ILE A 143 4.22 13.23 -25.19
C ILE A 143 3.25 14.16 -25.97
N ASN A 144 2.78 15.24 -25.34
CA ASN A 144 1.99 16.21 -26.12
C ASN A 144 2.92 16.83 -27.17
N THR A 145 2.40 17.16 -28.36
CA THR A 145 3.21 17.88 -29.36
C THR A 145 2.96 19.37 -29.05
N PRO A 146 3.71 20.32 -29.64
CA PRO A 146 3.38 21.74 -29.42
C PRO A 146 2.00 22.15 -29.95
N LEU A 147 1.35 21.27 -30.75
CA LEU A 147 -0.02 21.50 -31.26
C LEU A 147 -1.11 20.84 -30.40
N THR A 148 -0.79 19.77 -29.65
CA THR A 148 -1.79 19.10 -28.80
C THR A 148 -1.82 19.63 -27.38
N THR A 149 -0.71 20.27 -26.96
CA THR A 149 -0.63 20.81 -25.60
C THR A 149 -1.72 21.85 -25.26
N SER A 150 -2.24 21.78 -24.02
CA SER A 150 -3.23 22.73 -23.51
C SER A 150 -2.54 23.73 -22.57
N SER A 151 -1.45 23.30 -21.91
CA SER A 151 -0.72 24.16 -20.97
C SER A 151 0.35 25.00 -21.64
N GLY A 152 0.96 24.47 -22.70
CA GLY A 152 2.08 25.14 -23.36
C GLY A 152 3.40 24.88 -22.64
N ASN A 153 3.37 24.09 -21.54
CA ASN A 153 4.56 23.76 -20.73
C ASN A 153 5.33 22.63 -21.39
N LEU A 154 6.60 22.91 -21.71
CA LEU A 154 7.45 21.99 -22.46
C LEU A 154 7.83 20.73 -21.70
N HIS A 155 7.64 20.68 -20.36
CA HIS A 155 7.93 19.46 -19.60
C HIS A 155 6.87 18.37 -19.88
N GLY A 156 5.75 18.77 -20.51
CA GLY A 156 4.67 17.90 -20.91
C GLY A 156 4.76 17.43 -22.35
N GLN A 157 5.83 17.85 -23.04
CA GLN A 157 6.06 17.58 -24.46
C GLN A 157 7.40 16.92 -24.86
N PRO A 158 8.38 16.62 -23.95
CA PRO A 158 9.72 16.21 -24.45
C PRO A 158 9.77 15.03 -25.39
N VAL A 159 8.97 13.99 -25.14
CA VAL A 159 9.00 12.81 -25.99
C VAL A 159 8.58 13.13 -27.46
N SER A 160 7.72 14.15 -27.67
CA SER A 160 7.26 14.47 -29.02
C SER A 160 8.39 14.90 -29.98
N PHE A 161 9.43 15.53 -29.43
CA PHE A 161 10.61 16.00 -30.19
C PHE A 161 11.62 14.88 -30.46
N LEU A 162 11.56 13.81 -29.64
CA LEU A 162 12.52 12.72 -29.79
C LEU A 162 12.03 11.57 -30.66
N LEU A 163 10.72 11.38 -30.76
CA LEU A 163 10.12 10.26 -31.48
C LEU A 163 10.11 10.49 -32.98
N ARG A 164 10.76 9.56 -33.73
CA ARG A 164 10.87 9.66 -35.19
C ARG A 164 9.49 9.76 -35.88
N GLU A 165 8.54 8.91 -35.46
CA GLU A 165 7.19 8.80 -36.02
C GLU A 165 6.35 10.06 -35.88
N LEU A 166 6.69 10.93 -34.93
CA LEU A 166 5.94 12.18 -34.70
C LEU A 166 6.53 13.42 -35.41
N GLN A 167 7.65 13.24 -36.15
CA GLN A 167 8.34 14.37 -36.79
C GLN A 167 7.40 15.24 -37.63
N ASP A 168 6.59 14.63 -38.49
CA ASP A 168 5.64 15.35 -39.35
C ASP A 168 4.48 15.99 -38.57
N LYS A 169 4.31 15.63 -37.28
CA LYS A 169 3.26 16.22 -36.45
C LYS A 169 3.82 17.32 -35.55
N VAL A 170 5.14 17.55 -35.58
CA VAL A 170 5.75 18.52 -34.67
C VAL A 170 6.24 19.80 -35.38
N PRO A 171 5.71 21.01 -35.04
CA PRO A 171 6.23 22.23 -35.68
C PRO A 171 7.62 22.59 -35.17
N GLN A 172 8.38 23.36 -35.98
CA GLN A 172 9.72 23.83 -35.61
C GLN A 172 9.56 25.01 -34.67
N LEU A 173 9.94 24.83 -33.40
CA LEU A 173 9.87 25.86 -32.38
C LEU A 173 11.17 26.68 -32.37
N PRO A 174 11.16 27.96 -31.94
CA PRO A 174 12.44 28.71 -31.86
C PRO A 174 13.37 28.08 -30.83
N GLY A 175 14.60 27.82 -31.25
CA GLY A 175 15.64 27.21 -30.43
C GLY A 175 15.69 25.70 -30.47
N PHE A 176 14.75 25.06 -31.21
CA PHE A 176 14.63 23.61 -31.31
C PHE A 176 15.19 23.01 -32.62
N SER A 177 15.80 23.84 -33.51
CA SER A 177 16.31 23.36 -34.80
C SER A 177 17.40 22.30 -34.71
N TRP A 178 18.22 22.35 -33.65
CA TRP A 178 19.31 21.40 -33.41
C TRP A 178 18.84 19.95 -33.09
N ILE A 179 17.59 19.75 -32.60
CA ILE A 179 17.10 18.42 -32.22
C ILE A 179 16.86 17.51 -33.43
N LYS A 180 17.42 16.31 -33.38
CA LYS A 180 17.22 15.28 -34.40
C LYS A 180 16.40 14.14 -33.74
N PRO A 181 15.15 13.79 -34.20
CA PRO A 181 14.45 12.63 -33.59
C PRO A 181 15.41 11.43 -33.57
N CYS A 182 15.49 10.74 -32.42
CA CYS A 182 16.50 9.68 -32.23
C CYS A 182 15.97 8.39 -31.62
N ILE A 183 14.66 8.30 -31.38
CA ILE A 183 14.05 7.10 -30.82
C ILE A 183 12.80 6.72 -31.61
N SER A 184 12.59 5.43 -31.83
CA SER A 184 11.41 4.97 -32.51
C SER A 184 10.36 4.58 -31.49
N SER A 185 9.11 4.54 -31.92
CA SER A 185 7.96 4.18 -31.09
C SER A 185 8.13 2.83 -30.36
N ALA A 186 8.78 1.81 -30.96
CA ALA A 186 8.97 0.50 -30.36
C ALA A 186 10.13 0.50 -29.33
N SER A 187 10.83 1.63 -29.20
CA SER A 187 12.04 1.73 -28.37
C SER A 187 11.86 2.52 -27.04
N ILE A 188 10.61 2.90 -26.71
CA ILE A 188 10.31 3.60 -25.46
C ILE A 188 9.19 2.85 -24.76
N VAL A 189 9.33 2.57 -23.46
CA VAL A 189 8.24 1.92 -22.72
C VAL A 189 8.01 2.81 -21.51
N TYR A 190 6.72 3.09 -21.25
CA TYR A 190 6.30 3.87 -20.09
C TYR A 190 5.85 2.97 -18.95
N ILE A 191 6.16 3.39 -17.72
CA ILE A 191 5.72 2.70 -16.50
C ILE A 191 5.21 3.75 -15.51
N GLY A 192 3.98 3.54 -15.00
CA GLY A 192 3.44 4.37 -13.93
C GLY A 192 2.36 5.37 -14.31
N LEU A 193 1.97 5.37 -15.61
CA LEU A 193 1.02 6.35 -16.13
C LEU A 193 -0.28 6.36 -15.38
N ARG A 194 -0.78 7.58 -15.10
CA ARG A 194 -2.08 7.72 -14.46
C ARG A 194 -2.78 9.05 -14.78
N ASP A 195 -2.10 9.98 -15.43
CA ASP A 195 -2.72 11.27 -15.78
C ASP A 195 -2.30 11.59 -17.23
N VAL A 196 -3.04 11.04 -18.19
CA VAL A 196 -2.73 11.10 -19.61
C VAL A 196 -3.79 11.93 -20.34
N ASP A 197 -3.34 12.89 -21.14
CA ASP A 197 -4.27 13.72 -21.91
C ASP A 197 -4.89 12.95 -23.08
N PRO A 198 -6.14 13.27 -23.54
CA PRO A 198 -6.70 12.53 -24.69
C PRO A 198 -5.76 12.48 -25.91
N PRO A 199 -5.06 13.57 -26.33
CA PRO A 199 -4.15 13.44 -27.49
C PRO A 199 -2.98 12.49 -27.22
N GLU A 200 -2.55 12.43 -25.96
CA GLU A 200 -1.44 11.55 -25.55
C GLU A 200 -1.89 10.11 -25.63
N HIS A 201 -3.11 9.82 -25.16
CA HIS A 201 -3.71 8.50 -25.28
C HIS A 201 -3.76 8.07 -26.75
N PHE A 202 -4.25 8.96 -27.65
CA PHE A 202 -4.31 8.67 -29.08
C PHE A 202 -2.90 8.36 -29.63
N ILE A 203 -1.90 9.19 -29.29
CA ILE A 203 -0.50 8.97 -29.73
C ILE A 203 0.01 7.60 -29.27
N LEU A 204 -0.19 7.26 -27.98
CA LEU A 204 0.26 5.95 -27.49
C LEU A 204 -0.38 4.79 -28.21
N LYS A 205 -1.71 4.84 -28.40
CA LYS A 205 -2.40 3.70 -29.03
C LYS A 205 -2.11 3.62 -30.52
N ASN A 206 -2.22 4.77 -31.19
CA ASN A 206 -2.08 4.85 -32.64
C ASN A 206 -0.71 4.42 -33.12
N TYR A 207 0.35 4.86 -32.39
CA TYR A 207 1.73 4.55 -32.75
C TYR A 207 2.29 3.32 -32.09
N ASP A 208 1.42 2.50 -31.45
CA ASP A 208 1.78 1.25 -30.80
C ASP A 208 2.91 1.44 -29.79
N ILE A 209 2.83 2.52 -28.99
CA ILE A 209 3.81 2.76 -27.94
C ILE A 209 3.35 2.00 -26.71
N GLN A 210 4.20 1.12 -26.23
CA GLN A 210 3.88 0.25 -25.12
C GLN A 210 3.99 0.95 -23.77
N TYR A 211 2.94 0.82 -22.96
CA TYR A 211 2.93 1.45 -21.64
C TYR A 211 2.32 0.53 -20.62
N PHE A 212 2.78 0.66 -19.38
CA PHE A 212 2.22 -0.06 -18.23
C PHE A 212 1.72 1.01 -17.28
N SER A 213 0.42 1.34 -17.39
CA SER A 213 -0.19 2.35 -16.51
C SER A 213 -0.31 1.76 -15.10
N MET A 214 -0.72 2.57 -14.12
CA MET A 214 -0.96 2.07 -12.76
C MET A 214 -2.01 0.95 -12.80
N ARG A 215 -3.00 1.05 -13.71
CA ARG A 215 -4.02 0.00 -13.89
C ARG A 215 -3.34 -1.32 -14.36
N ASP A 216 -2.38 -1.23 -15.32
CA ASP A 216 -1.65 -2.45 -15.74
C ASP A 216 -0.85 -3.03 -14.58
N ILE A 217 -0.23 -2.19 -13.74
CA ILE A 217 0.51 -2.66 -12.56
C ILE A 217 -0.48 -3.34 -11.57
N ASP A 218 -1.69 -2.74 -11.37
CA ASP A 218 -2.70 -3.34 -10.48
C ASP A 218 -3.08 -4.77 -10.93
N ARG A 219 -3.15 -4.97 -12.25
CA ARG A 219 -3.50 -6.25 -12.84
C ARG A 219 -2.36 -7.25 -12.86
N LEU A 220 -1.19 -6.83 -13.38
CA LEU A 220 -0.08 -7.72 -13.63
C LEU A 220 0.87 -7.92 -12.46
N GLY A 221 1.09 -6.86 -11.70
CA GLY A 221 2.11 -6.89 -10.67
C GLY A 221 3.39 -6.34 -11.29
N ILE A 222 4.18 -5.63 -10.48
CA ILE A 222 5.41 -5.00 -10.99
C ILE A 222 6.44 -6.04 -11.60
N GLN A 223 6.46 -7.29 -11.10
CA GLN A 223 7.39 -8.30 -11.64
C GLN A 223 7.10 -8.57 -13.13
N LYS A 224 5.81 -8.81 -13.45
CA LYS A 224 5.42 -9.06 -14.86
C LYS A 224 5.59 -7.84 -15.73
N VAL A 225 5.38 -6.64 -15.16
CA VAL A 225 5.58 -5.39 -15.87
C VAL A 225 7.06 -5.28 -16.28
N MET A 226 7.99 -5.57 -15.35
CA MET A 226 9.41 -5.47 -15.69
C MET A 226 9.83 -6.52 -16.72
N GLU A 227 9.36 -7.76 -16.55
CA GLU A 227 9.66 -8.83 -17.51
C GLU A 227 9.19 -8.45 -18.92
N ARG A 228 7.93 -7.95 -19.02
CA ARG A 228 7.40 -7.56 -20.33
C ARG A 228 8.13 -6.37 -20.92
N THR A 229 8.50 -5.37 -20.06
CA THR A 229 9.24 -4.20 -20.49
C THR A 229 10.55 -4.64 -21.17
N PHE A 230 11.33 -5.53 -20.49
CA PHE A 230 12.60 -5.97 -21.05
C PHE A 230 12.40 -6.87 -22.27
N ASP A 231 11.33 -7.67 -22.28
CA ASP A 231 11.03 -8.50 -23.46
C ASP A 231 10.80 -7.62 -24.70
N LEU A 232 10.07 -6.52 -24.52
CA LEU A 232 9.79 -5.58 -25.61
C LEU A 232 11.06 -4.86 -26.11
N LEU A 233 11.93 -4.45 -25.17
CA LEU A 233 13.07 -3.63 -25.50
C LEU A 233 14.35 -4.38 -25.85
N ILE A 234 14.73 -5.34 -25.00
CA ILE A 234 16.01 -6.04 -25.12
C ILE A 234 15.81 -7.56 -25.29
N GLY A 235 14.63 -7.98 -25.70
CA GLY A 235 14.35 -9.41 -25.87
C GLY A 235 15.12 -10.06 -27.01
N LYS A 236 15.33 -9.30 -28.08
CA LYS A 236 16.03 -9.76 -29.29
C LYS A 236 17.54 -9.52 -29.25
N ARG A 237 17.98 -8.39 -28.66
CA ARG A 237 19.40 -8.02 -28.57
C ARG A 237 19.67 -7.09 -27.39
N GLN A 238 20.93 -7.06 -26.94
CA GLN A 238 21.41 -6.16 -25.87
C GLN A 238 21.49 -4.75 -26.44
N ARG A 239 21.03 -3.77 -25.66
CA ARG A 239 20.97 -2.38 -26.01
C ARG A 239 21.26 -1.52 -24.78
N PRO A 240 21.86 -0.32 -24.94
CA PRO A 240 22.03 0.58 -23.79
C PRO A 240 20.66 1.13 -23.37
N ILE A 241 20.44 1.20 -22.06
CA ILE A 241 19.18 1.64 -21.48
C ILE A 241 19.31 3.05 -20.94
N HIS A 242 18.33 3.88 -21.28
CA HIS A 242 18.20 5.23 -20.74
C HIS A 242 16.97 5.17 -19.82
N LEU A 243 17.19 5.31 -18.51
CA LEU A 243 16.08 5.31 -17.55
C LEU A 243 15.72 6.76 -17.24
N SER A 244 14.55 7.23 -17.69
CA SER A 244 14.14 8.59 -17.42
C SER A 244 13.09 8.52 -16.30
N PHE A 245 13.51 8.88 -15.07
CA PHE A 245 12.68 8.68 -13.89
C PHE A 245 12.18 9.97 -13.28
N ASP A 246 10.86 10.22 -13.39
CA ASP A 246 10.21 11.40 -12.81
C ASP A 246 9.81 10.99 -11.39
N ILE A 247 10.24 11.75 -10.37
CA ILE A 247 9.90 11.46 -8.98
C ILE A 247 8.38 11.34 -8.75
N ASP A 248 7.57 12.01 -9.60
CA ASP A 248 6.12 11.97 -9.44
C ASP A 248 5.51 10.63 -9.87
N ALA A 249 6.35 9.65 -10.34
CA ALA A 249 5.84 8.30 -10.60
C ALA A 249 5.36 7.72 -9.23
N PHE A 250 6.09 8.07 -8.15
CA PHE A 250 5.74 7.62 -6.81
C PHE A 250 4.48 8.33 -6.30
N ASP A 251 3.79 7.66 -5.37
CA ASP A 251 2.62 8.23 -4.74
C ASP A 251 3.04 9.55 -4.02
N PRO A 252 2.21 10.61 -4.13
CA PRO A 252 2.54 11.89 -3.47
C PRO A 252 2.76 11.80 -1.96
N THR A 253 2.26 10.73 -1.29
CA THR A 253 2.52 10.53 0.14
C THR A 253 4.02 10.20 0.39
N LEU A 254 4.69 9.57 -0.61
CA LEU A 254 6.10 9.22 -0.56
C LEU A 254 6.99 10.30 -1.20
N ALA A 255 6.45 10.99 -2.22
CA ALA A 255 7.20 12.01 -2.95
C ALA A 255 6.35 13.29 -3.08
N PRO A 256 6.08 13.98 -1.94
CA PRO A 256 5.20 15.16 -2.01
C PRO A 256 5.77 16.40 -2.68
N ALA A 257 7.09 16.58 -2.65
CA ALA A 257 7.80 17.75 -3.17
C ALA A 257 8.00 17.68 -4.70
N THR A 258 6.89 17.89 -5.44
CA THR A 258 6.84 17.82 -6.91
C THR A 258 5.69 18.68 -7.41
N GLY A 259 5.82 19.21 -8.63
CA GLY A 259 4.85 20.12 -9.24
C GLY A 259 3.52 19.58 -9.69
N THR A 260 3.50 18.34 -10.19
CA THR A 260 2.24 17.77 -10.67
C THR A 260 1.95 16.45 -9.95
N PRO A 261 1.68 16.47 -8.63
CA PRO A 261 1.39 15.21 -7.93
C PRO A 261 0.07 14.62 -8.38
N VAL A 262 0.03 13.29 -8.52
CA VAL A 262 -1.18 12.57 -8.91
C VAL A 262 -1.28 11.40 -7.94
N VAL A 263 -2.37 11.35 -7.19
CA VAL A 263 -2.61 10.27 -6.21
C VAL A 263 -2.65 8.88 -6.91
N GLY A 264 -2.34 7.84 -6.14
CA GLY A 264 -2.39 6.47 -6.63
C GLY A 264 -1.15 6.05 -7.40
N GLY A 265 0.01 6.45 -6.91
CA GLY A 265 1.28 6.17 -7.58
C GLY A 265 1.99 4.92 -7.12
N LEU A 266 3.23 4.74 -7.61
CA LEU A 266 4.09 3.63 -7.21
C LEU A 266 4.33 3.64 -5.70
N THR A 267 4.41 2.46 -5.10
CA THR A 267 4.82 2.34 -3.70
C THR A 267 6.36 2.44 -3.65
N TYR A 268 6.95 2.54 -2.44
CA TYR A 268 8.40 2.55 -2.31
C TYR A 268 8.95 1.22 -2.89
N ARG A 269 8.30 0.12 -2.53
CA ARG A 269 8.70 -1.22 -2.96
C ARG A 269 8.68 -1.35 -4.45
N GLU A 270 7.60 -0.85 -5.11
CA GLU A 270 7.55 -0.95 -6.57
C GLU A 270 8.64 -0.15 -7.26
N GLY A 271 8.90 1.07 -6.77
CA GLY A 271 9.94 1.92 -7.36
C GLY A 271 11.32 1.32 -7.21
N MET A 272 11.60 0.70 -6.04
CA MET A 272 12.88 0.05 -5.82
C MET A 272 12.97 -1.16 -6.74
N TYR A 273 11.86 -1.88 -6.90
CA TYR A 273 11.86 -3.07 -7.78
C TYR A 273 12.25 -2.69 -9.23
N ILE A 274 11.63 -1.63 -9.75
CA ILE A 274 11.93 -1.12 -11.11
C ILE A 274 13.45 -0.88 -11.20
N ALA A 275 14.01 -0.07 -10.27
CA ALA A 275 15.42 0.28 -10.26
C ALA A 275 16.34 -0.94 -10.16
N GLU A 276 16.01 -1.91 -9.27
CA GLU A 276 16.77 -3.16 -9.10
C GLU A 276 16.78 -3.98 -10.38
N GLU A 277 15.61 -4.08 -11.06
CA GLU A 277 15.55 -4.83 -12.33
C GLU A 277 16.36 -4.17 -13.43
N ILE A 278 16.33 -2.83 -13.50
CA ILE A 278 17.15 -2.05 -14.45
C ILE A 278 18.65 -2.35 -14.16
N HIS A 279 19.06 -2.33 -12.88
CA HIS A 279 20.45 -2.66 -12.51
C HIS A 279 20.82 -4.06 -13.00
N ASN A 280 19.91 -5.07 -12.77
CA ASN A 280 20.14 -6.49 -13.09
C ASN A 280 20.38 -6.78 -14.58
N THR A 281 19.94 -5.88 -15.48
CA THR A 281 20.18 -6.04 -16.94
C THR A 281 21.66 -5.90 -17.27
N GLY A 282 22.37 -5.07 -16.49
CA GLY A 282 23.76 -4.73 -16.72
C GLY A 282 23.88 -3.77 -17.90
N LEU A 283 22.73 -3.19 -18.37
CA LEU A 283 22.68 -2.32 -19.55
C LEU A 283 22.36 -0.86 -19.30
N LEU A 284 22.20 -0.45 -18.02
CA LEU A 284 21.91 0.94 -17.72
C LEU A 284 23.06 1.84 -18.16
N SER A 285 22.76 2.77 -19.05
CA SER A 285 23.74 3.66 -19.67
C SER A 285 23.57 5.13 -19.27
N ALA A 286 22.34 5.53 -18.97
CA ALA A 286 22.04 6.89 -18.51
C ALA A 286 20.77 6.83 -17.66
N LEU A 287 20.68 7.72 -16.68
CA LEU A 287 19.54 7.83 -15.79
C LEU A 287 19.24 9.30 -15.55
N ASP A 288 17.96 9.70 -15.67
CA ASP A 288 17.54 11.07 -15.33
C ASP A 288 16.70 10.93 -14.06
N LEU A 289 16.93 11.80 -13.07
CA LEU A 289 16.09 11.81 -11.86
C LEU A 289 15.57 13.22 -11.79
N VAL A 290 14.32 13.40 -12.23
CA VAL A 290 13.72 14.74 -12.38
C VAL A 290 12.48 15.05 -11.51
N GLU A 291 12.09 16.35 -11.52
CA GLU A 291 10.88 16.97 -10.97
C GLU A 291 10.82 17.01 -9.43
N VAL A 292 11.98 16.93 -8.76
CA VAL A 292 12.01 17.08 -7.29
C VAL A 292 12.01 18.61 -7.08
N ASN A 293 10.94 19.14 -6.46
CA ASN A 293 10.79 20.57 -6.18
C ASN A 293 10.62 20.73 -4.65
N PRO A 294 11.76 20.85 -3.92
CA PRO A 294 11.68 20.95 -2.44
C PRO A 294 10.88 22.12 -1.87
N GLN A 295 10.70 23.20 -2.66
CA GLN A 295 9.94 24.37 -2.24
C GLN A 295 8.43 24.09 -2.14
N LEU A 296 7.94 23.03 -2.83
CA LEU A 296 6.52 22.66 -2.82
C LEU A 296 6.11 21.77 -1.65
N ALA A 297 7.08 21.38 -0.80
CA ALA A 297 6.80 20.57 0.38
C ALA A 297 6.22 21.48 1.49
N THR A 298 5.22 21.01 2.25
CA THR A 298 4.58 21.78 3.33
C THR A 298 5.46 21.91 4.59
N SER A 299 6.50 21.06 4.68
CA SER A 299 7.48 21.01 5.78
C SER A 299 8.87 20.60 5.25
N GLU A 300 9.93 20.80 6.07
CA GLU A 300 11.31 20.47 5.72
C GLU A 300 11.50 18.95 5.59
N GLU A 301 10.88 18.17 6.49
CA GLU A 301 10.97 16.71 6.48
C GLU A 301 10.35 16.10 5.21
N GLU A 302 9.28 16.73 4.66
CA GLU A 302 8.63 16.29 3.42
C GLU A 302 9.57 16.49 2.23
N ALA A 303 10.32 17.63 2.19
CA ALA A 303 11.30 17.93 1.15
C ALA A 303 12.43 16.91 1.22
N LYS A 304 12.96 16.68 2.45
CA LYS A 304 14.02 15.71 2.72
C LYS A 304 13.59 14.26 2.41
N THR A 305 12.31 13.90 2.65
CA THR A 305 11.81 12.54 2.35
C THR A 305 11.88 12.31 0.81
N THR A 306 11.48 13.33 0.02
CA THR A 306 11.47 13.28 -1.44
C THR A 306 12.90 13.11 -1.98
N ALA A 307 13.84 13.92 -1.45
CA ALA A 307 15.25 13.87 -1.83
C ALA A 307 15.88 12.53 -1.44
N ASN A 308 15.51 11.98 -0.26
CA ASN A 308 16.02 10.68 0.19
C ASN A 308 15.55 9.56 -0.77
N LEU A 309 14.28 9.64 -1.19
CA LEU A 309 13.68 8.67 -2.13
C LEU A 309 14.40 8.74 -3.48
N ALA A 310 14.72 9.98 -3.93
CA ALA A 310 15.47 10.18 -5.17
C ALA A 310 16.82 9.44 -5.10
N VAL A 311 17.54 9.58 -3.95
CA VAL A 311 18.82 8.90 -3.75
C VAL A 311 18.63 7.37 -3.78
N ASP A 312 17.59 6.85 -3.13
CA ASP A 312 17.31 5.43 -3.13
C ASP A 312 17.09 4.92 -4.56
N VAL A 313 16.42 5.69 -5.43
CA VAL A 313 16.19 5.25 -6.83
C VAL A 313 17.54 5.12 -7.57
N ILE A 314 18.37 6.16 -7.43
CA ILE A 314 19.67 6.21 -8.10
C ILE A 314 20.59 5.11 -7.58
N ALA A 315 20.68 4.94 -6.24
CA ALA A 315 21.49 3.91 -5.62
C ALA A 315 21.04 2.49 -6.05
N SER A 316 19.71 2.24 -6.09
CA SER A 316 19.20 0.92 -6.52
C SER A 316 19.47 0.68 -7.98
N SER A 317 19.49 1.73 -8.81
CA SER A 317 19.81 1.60 -10.23
C SER A 317 21.28 1.21 -10.45
N PHE A 318 22.15 1.38 -9.41
CA PHE A 318 23.57 1.04 -9.52
C PHE A 318 24.01 -0.10 -8.55
N GLY A 319 23.03 -0.86 -8.03
CA GLY A 319 23.38 -2.03 -7.22
C GLY A 319 22.87 -2.13 -5.80
N GLN A 320 22.32 -1.06 -5.23
CA GLN A 320 21.77 -1.14 -3.89
C GLN A 320 20.57 -2.10 -3.94
N THR A 321 20.55 -3.07 -3.02
CA THR A 321 19.46 -4.03 -2.96
C THR A 321 18.85 -4.11 -1.54
N ARG A 322 17.70 -4.81 -1.44
CA ARG A 322 16.96 -5.06 -0.20
C ARG A 322 17.51 -6.35 0.46
N GLU A 323 18.56 -6.99 -0.11
CA GLU A 323 19.06 -8.27 0.42
C GLU A 323 20.54 -8.26 0.89
N GLY A 324 21.20 -7.11 0.86
CA GLY A 324 22.58 -6.96 1.32
C GLY A 324 23.67 -7.62 0.49
N GLY A 325 23.41 -7.82 -0.81
CA GLY A 325 24.35 -8.46 -1.73
C GLY A 325 25.32 -7.55 -2.48
N HIS A 326 25.27 -6.21 -2.22
CA HIS A 326 26.15 -5.24 -2.89
C HIS A 326 27.62 -5.32 -2.43
N ILE A 327 27.85 -5.35 -1.11
CA ILE A 327 29.21 -5.51 -0.56
C ILE A 327 29.42 -7.02 -0.40
N VAL A 328 30.38 -7.57 -1.16
CA VAL A 328 30.69 -8.99 -1.16
C VAL A 328 31.64 -9.33 0.00
N TYR A 329 31.21 -10.30 0.83
CA TYR A 329 31.92 -10.86 1.98
C TYR A 329 32.47 -12.20 1.45
N ASP A 330 33.76 -12.49 1.69
CA ASP A 330 34.37 -13.71 1.15
C ASP A 330 34.62 -14.82 2.18
N GLN A 331 34.88 -14.43 3.45
CA GLN A 331 35.14 -15.37 4.55
C GLN A 331 34.66 -14.80 5.87
N LEU A 332 33.98 -15.62 6.69
CA LEU A 332 33.57 -15.17 8.02
C LEU A 332 34.78 -15.36 8.94
N PRO A 333 35.02 -14.44 9.91
CA PRO A 333 36.11 -14.69 10.88
C PRO A 333 35.80 -15.92 11.74
N THR A 334 36.85 -16.65 12.14
CA THR A 334 36.73 -17.88 12.93
C THR A 334 37.26 -17.70 14.36
N PRO A 335 36.62 -18.34 15.37
CA PRO A 335 37.10 -18.21 16.76
C PRO A 335 38.50 -18.78 16.98
N ASN B 12 -20.25 -14.38 24.65
CA ASN B 12 -20.06 -15.39 23.61
C ASN B 12 -19.65 -16.71 24.22
N LEU B 13 -20.38 -17.76 23.89
CA LEU B 13 -20.15 -19.07 24.47
C LEU B 13 -19.54 -20.07 23.52
N TYR B 14 -19.55 -19.78 22.20
CA TYR B 14 -19.10 -20.69 21.15
C TYR B 14 -18.03 -20.04 20.31
N PHE B 15 -16.98 -20.81 20.01
CA PHE B 15 -15.80 -20.35 19.24
C PHE B 15 -15.37 -21.41 18.25
N GLN B 16 -14.78 -21.01 17.10
CA GLN B 16 -14.36 -22.00 16.10
C GLN B 16 -13.31 -22.96 16.62
N SER B 17 -12.43 -22.48 17.51
CA SER B 17 -11.39 -23.26 18.16
C SER B 17 -11.07 -22.65 19.52
N VAL B 18 -10.55 -23.49 20.43
CA VAL B 18 -10.22 -23.09 21.77
C VAL B 18 -8.75 -23.37 21.98
N HIS B 19 -7.96 -22.30 22.11
CA HIS B 19 -6.53 -22.46 22.31
C HIS B 19 -6.17 -22.27 23.76
N SER B 20 -5.10 -22.94 24.23
CA SER B 20 -4.55 -22.75 25.58
C SER B 20 -3.28 -21.90 25.36
N VAL B 21 -3.31 -20.67 25.88
CA VAL B 21 -2.25 -19.69 25.63
C VAL B 21 -1.60 -19.23 26.94
N ALA B 22 -0.27 -19.31 27.01
CA ALA B 22 0.53 -18.78 28.14
C ALA B 22 1.13 -17.46 27.67
N VAL B 23 1.14 -16.44 28.54
CA VAL B 23 1.69 -15.13 28.23
C VAL B 23 2.83 -14.82 29.20
N ILE B 24 4.00 -14.49 28.65
CA ILE B 24 5.19 -14.13 29.42
C ILE B 24 5.65 -12.76 28.96
N GLY B 25 5.79 -11.83 29.90
CA GLY B 25 6.39 -10.53 29.62
C GLY B 25 7.89 -10.66 29.82
N ALA B 26 8.69 -10.26 28.81
CA ALA B 26 10.14 -10.34 28.91
C ALA B 26 10.73 -8.97 28.56
N PRO B 27 10.77 -8.05 29.55
CA PRO B 27 11.27 -6.68 29.27
C PRO B 27 12.80 -6.57 29.10
N PHE B 28 13.38 -7.39 28.19
CA PHE B 28 14.81 -7.44 27.87
C PHE B 28 15.19 -6.16 27.13
N SER B 29 16.26 -5.45 27.55
CA SER B 29 16.71 -4.27 26.81
C SER B 29 18.22 -4.34 26.54
N GLN B 30 18.92 -5.23 27.26
CA GLN B 30 20.38 -5.35 27.21
C GLN B 30 20.93 -6.02 25.94
N GLY B 31 20.03 -6.43 25.03
CA GLY B 31 20.43 -6.97 23.74
C GLY B 31 20.70 -5.84 22.77
N GLN B 32 20.46 -4.57 23.19
CA GLN B 32 20.66 -3.36 22.39
C GLN B 32 20.88 -2.09 23.26
N LYS B 33 21.03 -0.91 22.61
CA LYS B 33 21.39 0.34 23.30
C LYS B 33 20.29 1.39 23.47
N ARG B 34 19.19 1.31 22.69
CA ARG B 34 18.11 2.28 22.77
C ARG B 34 17.22 2.01 23.98
N LYS B 35 17.07 3.00 24.86
CA LYS B 35 16.22 2.78 26.03
C LYS B 35 14.72 2.86 25.64
N GLY B 36 13.92 2.03 26.31
CA GLY B 36 12.46 2.03 26.14
C GLY B 36 11.81 0.72 25.73
N VAL B 37 12.57 -0.18 25.12
CA VAL B 37 12.06 -1.49 24.63
C VAL B 37 11.61 -2.39 25.82
N GLU B 38 12.14 -2.11 27.05
CA GLU B 38 11.74 -2.80 28.28
C GLU B 38 10.24 -2.50 28.61
N HIS B 39 9.67 -1.42 28.04
CA HIS B 39 8.27 -1.03 28.21
C HIS B 39 7.30 -1.64 27.17
N GLY B 40 7.85 -2.43 26.23
CA GLY B 40 7.07 -3.10 25.21
C GLY B 40 5.99 -4.01 25.79
N PRO B 41 6.32 -4.89 26.79
CA PRO B 41 5.28 -5.77 27.36
C PRO B 41 4.13 -5.01 27.98
N ALA B 42 4.42 -3.96 28.78
CA ALA B 42 3.36 -3.14 29.38
C ALA B 42 2.53 -2.43 28.29
N ALA B 43 3.16 -1.95 27.21
CA ALA B 43 2.43 -1.28 26.13
C ALA B 43 1.47 -2.26 25.42
N ILE B 44 1.92 -3.48 25.14
CA ILE B 44 1.10 -4.51 24.48
C ILE B 44 -0.08 -4.89 25.41
N ARG B 45 0.20 -5.05 26.72
CA ARG B 45 -0.83 -5.37 27.72
C ARG B 45 -1.88 -4.27 27.80
N GLU B 46 -1.45 -2.99 27.80
CA GLU B 46 -2.32 -1.80 27.87
C GLU B 46 -3.24 -1.70 26.66
N ALA B 47 -2.78 -2.22 25.50
CA ALA B 47 -3.53 -2.23 24.23
C ALA B 47 -4.64 -3.31 24.22
N GLY B 48 -4.81 -4.02 25.35
CA GLY B 48 -5.86 -4.99 25.59
C GLY B 48 -5.57 -6.43 25.20
N LEU B 49 -4.30 -6.85 25.24
CA LEU B 49 -3.93 -8.21 24.83
C LEU B 49 -4.74 -9.34 25.47
N MET B 50 -4.78 -9.36 26.81
CA MET B 50 -5.46 -10.43 27.56
C MET B 50 -6.95 -10.49 27.27
N LYS B 51 -7.62 -9.33 27.22
CA LYS B 51 -9.04 -9.22 26.89
C LYS B 51 -9.31 -9.72 25.47
N ARG B 52 -8.41 -9.40 24.53
CA ARG B 52 -8.59 -9.81 23.15
C ARG B 52 -8.51 -11.34 23.04
N LEU B 53 -7.50 -11.95 23.68
CA LEU B 53 -7.32 -13.39 23.64
C LEU B 53 -8.50 -14.10 24.31
N SER B 54 -9.01 -13.53 25.41
CA SER B 54 -10.18 -14.08 26.12
C SER B 54 -11.39 -14.04 25.22
N SER B 55 -11.55 -12.95 24.41
CA SER B 55 -12.64 -12.75 23.47
C SER B 55 -12.59 -13.75 22.32
N LEU B 56 -11.44 -14.40 22.13
CA LEU B 56 -11.24 -15.45 21.13
C LEU B 56 -11.48 -16.84 21.71
N GLY B 57 -11.90 -16.90 22.98
CA GLY B 57 -12.18 -18.17 23.64
C GLY B 57 -10.96 -18.92 24.11
N CYS B 58 -9.81 -18.21 24.27
CA CYS B 58 -8.57 -18.83 24.76
C CYS B 58 -8.66 -19.13 26.25
N HIS B 59 -8.01 -20.22 26.66
CA HIS B 59 -7.76 -20.55 28.07
C HIS B 59 -6.42 -19.85 28.30
N LEU B 60 -6.35 -18.92 29.24
CA LEU B 60 -5.13 -18.17 29.49
C LEU B 60 -4.39 -18.52 30.77
N LYS B 61 -3.05 -18.47 30.71
CA LYS B 61 -2.18 -18.57 31.88
C LYS B 61 -1.21 -17.40 31.77
N ASP B 62 -1.39 -16.39 32.61
CA ASP B 62 -0.50 -15.23 32.60
C ASP B 62 0.65 -15.46 33.57
N PHE B 63 1.88 -15.60 33.04
CA PHE B 63 3.08 -15.80 33.86
C PHE B 63 3.62 -14.46 34.40
N GLY B 64 2.94 -13.37 34.06
CA GLY B 64 3.30 -12.00 34.44
C GLY B 64 4.53 -11.52 33.69
N ASP B 65 5.13 -10.44 34.16
CA ASP B 65 6.33 -9.90 33.54
C ASP B 65 7.55 -10.31 34.35
N LEU B 66 8.50 -10.99 33.69
CA LEU B 66 9.72 -11.47 34.34
C LEU B 66 10.61 -10.32 34.77
N SER B 67 11.38 -10.53 35.86
CA SER B 67 12.30 -9.57 36.44
C SER B 67 13.73 -9.97 36.10
N PHE B 68 14.49 -9.05 35.50
CA PHE B 68 15.87 -9.30 35.12
C PHE B 68 16.80 -8.35 35.84
N THR B 69 17.64 -8.89 36.72
CA THR B 69 18.64 -8.12 37.45
C THR B 69 19.95 -8.20 36.68
N PRO B 70 20.51 -7.05 36.20
CA PRO B 70 21.77 -7.11 35.43
C PRO B 70 22.96 -7.56 36.27
N VAL B 71 23.86 -8.36 35.66
CA VAL B 71 25.09 -8.86 36.27
C VAL B 71 25.97 -7.63 36.60
N PRO B 72 26.50 -7.49 37.85
CA PRO B 72 27.26 -6.28 38.20
C PRO B 72 28.57 -6.06 37.42
N LYS B 73 29.39 -7.12 37.27
CA LYS B 73 30.67 -7.05 36.56
C LYS B 73 30.55 -7.73 35.18
N ASP B 74 29.60 -7.23 34.37
CA ASP B 74 29.34 -7.78 33.04
C ASP B 74 30.19 -7.10 31.98
N ASP B 75 31.51 -7.40 32.02
CA ASP B 75 32.47 -6.83 31.07
C ASP B 75 32.21 -7.31 29.64
N LEU B 76 32.36 -6.40 28.67
CA LEU B 76 32.11 -6.70 27.27
C LEU B 76 33.08 -7.75 26.71
N TYR B 77 32.61 -8.53 25.72
CA TYR B 77 33.40 -9.59 25.09
C TYR B 77 34.09 -9.01 23.85
N ASN B 78 35.43 -9.19 23.77
CA ASN B 78 36.28 -8.72 22.66
C ASN B 78 36.10 -7.24 22.35
N ASN B 79 35.96 -6.41 23.42
CA ASN B 79 35.77 -4.97 23.33
C ASN B 79 34.63 -4.54 22.41
N LEU B 80 33.63 -5.43 22.21
CA LEU B 80 32.52 -5.11 21.34
C LEU B 80 31.16 -5.60 21.85
N ILE B 81 31.03 -6.92 22.15
CA ILE B 81 29.77 -7.56 22.62
C ILE B 81 29.35 -7.02 23.97
N VAL B 82 28.30 -6.20 24.00
CA VAL B 82 27.82 -5.55 25.22
C VAL B 82 26.81 -6.44 25.99
N ASN B 83 26.91 -6.41 27.33
CA ASN B 83 26.06 -7.14 28.29
C ASN B 83 25.95 -8.65 28.00
N PRO B 84 27.05 -9.41 27.72
CA PRO B 84 26.86 -10.83 27.37
C PRO B 84 26.36 -11.73 28.50
N ARG B 85 26.85 -11.56 29.76
CA ARG B 85 26.39 -12.39 30.87
C ARG B 85 24.92 -12.13 31.21
N SER B 86 24.48 -10.86 31.17
CA SER B 86 23.10 -10.46 31.44
C SER B 86 22.15 -11.07 30.39
N VAL B 87 22.52 -10.96 29.08
CA VAL B 87 21.70 -11.51 28.00
C VAL B 87 21.67 -13.03 28.06
N GLY B 88 22.84 -13.66 28.22
CA GLY B 88 22.93 -15.11 28.32
C GLY B 88 22.13 -15.71 29.48
N LEU B 89 22.27 -15.09 30.67
CA LEU B 89 21.62 -15.49 31.92
C LEU B 89 20.11 -15.26 31.88
N ALA B 90 19.66 -14.09 31.40
CA ALA B 90 18.22 -13.78 31.34
C ALA B 90 17.53 -14.72 30.36
N ASN B 91 18.24 -15.08 29.28
CA ASN B 91 17.74 -16.04 28.29
C ASN B 91 17.69 -17.44 28.87
N GLN B 92 18.62 -17.79 29.82
CA GLN B 92 18.59 -19.10 30.47
C GLN B 92 17.34 -19.23 31.33
N GLU B 93 16.97 -18.16 32.03
CA GLU B 93 15.79 -18.12 32.91
C GLU B 93 14.51 -18.14 32.08
N LEU B 94 14.49 -17.38 30.96
CA LEU B 94 13.34 -17.32 30.07
C LEU B 94 13.11 -18.68 29.44
N ALA B 95 14.20 -19.39 29.04
CA ALA B 95 14.11 -20.73 28.45
C ALA B 95 13.40 -21.70 29.39
N GLU B 96 13.63 -21.57 30.71
CA GLU B 96 13.00 -22.41 31.72
C GLU B 96 11.49 -22.22 31.77
N VAL B 97 11.03 -20.96 31.79
CA VAL B 97 9.62 -20.60 31.80
C VAL B 97 8.91 -21.12 30.51
N VAL B 98 9.55 -20.94 29.32
CA VAL B 98 9.00 -21.39 28.04
C VAL B 98 8.84 -22.90 28.00
N SER B 99 9.92 -23.66 28.37
CA SER B 99 9.90 -25.12 28.39
C SER B 99 8.75 -25.65 29.25
N ARG B 100 8.53 -25.04 30.43
CA ARG B 100 7.48 -25.37 31.40
C ARG B 100 6.08 -25.13 30.81
N ALA B 101 5.84 -23.92 30.25
CA ALA B 101 4.56 -23.55 29.62
C ALA B 101 4.22 -24.52 28.47
N VAL B 102 5.19 -24.80 27.59
CA VAL B 102 4.99 -25.71 26.46
C VAL B 102 4.76 -27.15 26.96
N SER B 103 5.53 -27.56 28.00
CA SER B 103 5.40 -28.89 28.62
C SER B 103 4.01 -29.11 29.19
N ASP B 104 3.39 -28.05 29.77
CA ASP B 104 2.06 -28.04 30.34
C ASP B 104 0.93 -27.94 29.26
N GLY B 105 1.31 -27.87 27.99
CA GLY B 105 0.37 -27.81 26.88
C GLY B 105 -0.08 -26.43 26.41
N TYR B 106 0.63 -25.36 26.79
CA TYR B 106 0.26 -24.00 26.37
C TYR B 106 1.07 -23.57 25.16
N SER B 107 0.41 -22.83 24.25
CA SER B 107 1.09 -22.14 23.15
C SER B 107 1.67 -20.91 23.85
N CYS B 108 3.00 -20.76 23.84
CA CYS B 108 3.69 -19.76 24.63
C CYS B 108 3.95 -18.43 23.91
N VAL B 109 3.27 -17.36 24.37
CA VAL B 109 3.43 -16.02 23.83
C VAL B 109 4.41 -15.24 24.69
N THR B 110 5.54 -14.79 24.10
CA THR B 110 6.49 -13.97 24.84
C THR B 110 6.48 -12.55 24.29
N LEU B 111 6.28 -11.56 25.17
CA LEU B 111 6.29 -10.16 24.75
C LEU B 111 7.63 -9.54 25.05
N GLY B 112 8.22 -8.92 24.03
CA GLY B 112 9.49 -8.24 24.20
C GLY B 112 9.33 -6.75 24.43
N GLY B 113 10.43 -6.05 24.74
CA GLY B 113 11.77 -6.61 24.84
C GLY B 113 12.45 -6.75 23.48
N ASP B 114 13.79 -6.68 23.48
CA ASP B 114 14.54 -6.78 22.24
C ASP B 114 14.63 -8.23 21.74
N HIS B 115 14.98 -8.41 20.44
CA HIS B 115 14.98 -9.73 19.79
C HIS B 115 16.03 -10.71 20.34
N SER B 116 16.99 -10.28 21.22
CA SER B 116 17.91 -11.28 21.80
C SER B 116 17.14 -12.32 22.65
N LEU B 117 15.88 -11.98 23.08
CA LEU B 117 15.04 -12.92 23.87
C LEU B 117 14.71 -14.23 23.10
N ALA B 118 14.80 -14.23 21.76
CA ALA B 118 14.55 -15.45 20.96
C ALA B 118 15.54 -16.55 21.28
N ILE B 119 16.75 -16.20 21.78
CA ILE B 119 17.72 -17.21 22.18
C ILE B 119 17.07 -18.09 23.27
N GLY B 120 16.46 -17.46 24.28
CA GLY B 120 15.79 -18.18 25.36
C GLY B 120 14.48 -18.83 24.96
N THR B 121 13.62 -18.11 24.22
CA THR B 121 12.31 -18.71 23.84
C THR B 121 12.48 -19.93 22.93
N ILE B 122 13.36 -19.82 21.91
CA ILE B 122 13.57 -20.94 20.97
C ILE B 122 14.27 -22.10 21.69
N SER B 123 15.31 -21.82 22.50
CA SER B 123 16.01 -22.88 23.26
C SER B 123 15.04 -23.63 24.20
N GLY B 124 14.20 -22.88 24.92
CA GLY B 124 13.20 -23.41 25.84
C GLY B 124 12.17 -24.28 25.16
N HIS B 125 11.67 -23.79 24.04
CA HIS B 125 10.68 -24.47 23.22
C HIS B 125 11.23 -25.81 22.70
N ALA B 126 12.50 -25.82 22.24
CA ALA B 126 13.17 -27.00 21.66
C ALA B 126 13.41 -28.12 22.69
N ARG B 127 13.37 -27.77 23.99
CA ARG B 127 13.55 -28.74 25.07
C ARG B 127 12.38 -29.72 25.14
N HIS B 128 11.14 -29.20 25.04
C HIS B 128 9.33 -30.55 23.24
N CYS B 129 9.96 -29.77 22.32
CA CYS B 129 9.64 -29.85 20.90
C CYS B 129 10.94 -29.83 20.05
N PRO B 130 11.79 -30.90 20.09
CA PRO B 130 13.03 -30.88 19.30
C PRO B 130 12.85 -30.79 17.78
N ASP B 131 11.66 -31.16 17.26
CA ASP B 131 11.38 -31.07 15.83
C ASP B 131 10.65 -29.77 15.45
N LEU B 132 10.78 -28.73 16.29
CA LEU B 132 10.15 -27.44 16.01
C LEU B 132 10.76 -26.77 14.74
N CYS B 133 10.01 -25.87 14.12
CA CYS B 133 10.53 -25.08 13.02
C CYS B 133 10.25 -23.63 13.38
N VAL B 134 10.97 -22.72 12.74
CA VAL B 134 10.89 -21.32 13.09
C VAL B 134 10.49 -20.48 11.89
N VAL B 135 9.51 -19.58 12.07
CA VAL B 135 9.17 -18.62 11.01
C VAL B 135 9.61 -17.28 11.63
N TRP B 136 10.63 -16.65 11.03
CA TRP B 136 11.24 -15.42 11.54
C TRP B 136 10.82 -14.24 10.69
N VAL B 137 9.91 -13.39 11.24
CA VAL B 137 9.32 -12.29 10.49
C VAL B 137 9.97 -11.01 10.98
N ASP B 138 10.76 -10.37 10.10
CA ASP B 138 11.59 -9.26 10.50
C ASP B 138 12.14 -8.54 9.27
N ALA B 139 12.50 -7.25 9.44
CA ALA B 139 13.21 -6.49 8.39
C ALA B 139 14.68 -6.99 8.34
N HIS B 140 15.13 -7.65 9.41
CA HIS B 140 16.51 -8.08 9.67
C HIS B 140 16.68 -9.60 9.84
N ALA B 141 17.87 -10.11 9.50
CA ALA B 141 18.14 -11.53 9.62
C ALA B 141 18.63 -11.93 11.03
N ASP B 142 19.14 -10.94 11.83
CA ASP B 142 19.59 -11.16 13.21
C ASP B 142 20.53 -12.38 13.28
N ILE B 143 21.40 -12.53 12.26
CA ILE B 143 22.26 -13.73 12.14
C ILE B 143 23.75 -13.36 12.14
N ASN B 144 24.09 -12.13 12.60
CA ASN B 144 25.50 -11.81 12.78
C ASN B 144 26.05 -12.73 13.84
N THR B 145 27.31 -13.13 13.71
CA THR B 145 27.94 -13.95 14.74
C THR B 145 28.61 -12.94 15.69
N PRO B 146 29.06 -13.35 16.90
CA PRO B 146 29.82 -12.42 17.76
C PRO B 146 31.09 -11.84 17.10
N LEU B 147 31.59 -12.52 16.04
CA LEU B 147 32.76 -12.06 15.29
C LEU B 147 32.44 -11.17 14.06
N THR B 148 31.19 -11.23 13.51
CA THR B 148 30.82 -10.43 12.34
C THR B 148 30.09 -9.11 12.71
N THR B 149 29.44 -9.09 13.89
CA THR B 149 28.71 -7.91 14.35
C THR B 149 29.61 -6.65 14.38
N SER B 150 29.04 -5.51 13.97
CA SER B 150 29.74 -4.22 14.00
C SER B 150 29.26 -3.37 15.16
N SER B 151 28.03 -3.65 15.67
CA SER B 151 27.42 -2.90 16.77
C SER B 151 27.73 -3.49 18.13
N GLY B 152 27.91 -4.80 18.18
CA GLY B 152 28.07 -5.55 19.42
C GLY B 152 26.73 -5.80 20.13
N ASN B 153 25.59 -5.46 19.46
CA ASN B 153 24.25 -5.63 20.04
C ASN B 153 23.77 -7.05 19.82
N LEU B 154 23.48 -7.78 20.91
CA LEU B 154 23.09 -9.19 20.83
C LEU B 154 21.73 -9.39 20.13
N HIS B 155 20.87 -8.38 20.04
CA HIS B 155 19.58 -8.56 19.31
C HIS B 155 19.81 -8.77 17.77
N GLY B 156 21.02 -8.45 17.28
CA GLY B 156 21.40 -8.62 15.88
C GLY B 156 22.12 -9.94 15.62
N GLN B 157 22.24 -10.77 16.69
CA GLN B 157 22.96 -12.06 16.62
C GLN B 157 22.19 -13.34 17.05
N PRO B 158 20.90 -13.30 17.48
CA PRO B 158 20.31 -14.49 18.12
C PRO B 158 20.34 -15.76 17.30
N VAL B 159 20.09 -15.66 15.99
CA VAL B 159 20.02 -16.86 15.15
C VAL B 159 21.40 -17.56 15.09
N SER B 160 22.51 -16.81 15.21
CA SER B 160 23.84 -17.45 15.15
C SER B 160 24.08 -18.46 16.26
N PHE B 161 23.47 -18.24 17.45
CA PHE B 161 23.59 -19.15 18.59
C PHE B 161 22.73 -20.38 18.49
N LEU B 162 21.69 -20.32 17.67
CA LEU B 162 20.70 -21.39 17.57
C LEU B 162 20.93 -22.36 16.45
N LEU B 163 21.56 -21.94 15.34
CA LEU B 163 21.73 -22.82 14.19
C LEU B 163 22.89 -23.79 14.31
N ARG B 164 22.60 -25.11 14.19
CA ARG B 164 23.61 -26.16 14.32
C ARG B 164 24.81 -25.98 13.39
N GLU B 165 24.55 -25.72 12.10
CA GLU B 165 25.57 -25.59 11.06
C GLU B 165 26.55 -24.43 11.25
N LEU B 166 26.21 -23.42 12.09
CA LEU B 166 27.07 -22.26 12.32
C LEU B 166 27.96 -22.36 13.56
N GLN B 167 27.81 -23.43 14.38
CA GLN B 167 28.48 -23.65 15.67
C GLN B 167 30.00 -23.38 15.65
N ASP B 168 30.70 -23.85 14.61
CA ASP B 168 32.15 -23.67 14.46
C ASP B 168 32.59 -22.21 14.17
N LYS B 169 31.62 -21.35 13.83
CA LYS B 169 31.86 -19.93 13.55
C LYS B 169 31.49 -19.05 14.73
N VAL B 170 30.95 -19.65 15.79
CA VAL B 170 30.44 -18.91 16.95
C VAL B 170 31.32 -19.20 18.17
N PRO B 171 32.00 -18.17 18.72
CA PRO B 171 32.83 -18.41 19.92
C PRO B 171 31.94 -18.57 21.15
N GLN B 172 32.47 -19.18 22.24
CA GLN B 172 31.70 -19.33 23.46
C GLN B 172 31.75 -18.01 24.26
N LEU B 173 30.58 -17.35 24.41
CA LEU B 173 30.46 -16.10 25.15
C LEU B 173 30.21 -16.35 26.64
N PRO B 174 30.59 -15.41 27.55
CA PRO B 174 30.28 -15.61 28.96
C PRO B 174 28.77 -15.53 29.16
N GLY B 175 28.25 -16.47 29.95
CA GLY B 175 26.82 -16.61 30.22
C GLY B 175 26.03 -17.35 29.16
N PHE B 176 26.71 -17.92 28.15
CA PHE B 176 26.09 -18.64 27.01
C PHE B 176 26.40 -20.15 26.95
N SER B 177 27.23 -20.68 27.88
CA SER B 177 27.63 -22.09 27.88
C SER B 177 26.46 -23.09 27.93
N TRP B 178 25.34 -22.68 28.56
CA TRP B 178 24.12 -23.48 28.68
C TRP B 178 23.42 -23.81 27.33
N ILE B 179 23.61 -22.96 26.30
CA ILE B 179 22.96 -23.12 24.98
C ILE B 179 23.53 -24.27 24.17
N LYS B 180 22.61 -25.05 23.60
CA LYS B 180 22.92 -26.13 22.69
C LYS B 180 22.23 -25.77 21.36
N PRO B 181 22.97 -25.53 20.23
CA PRO B 181 22.27 -25.21 18.96
C PRO B 181 21.18 -26.25 18.69
N CYS B 182 19.94 -25.79 18.51
CA CYS B 182 18.78 -26.67 18.41
C CYS B 182 18.12 -26.74 17.04
N ILE B 183 18.33 -25.76 16.18
CA ILE B 183 17.65 -25.79 14.87
C ILE B 183 18.62 -25.95 13.74
N SER B 184 18.22 -26.69 12.69
CA SER B 184 19.07 -26.84 11.52
C SER B 184 18.75 -25.68 10.58
N SER B 185 19.68 -25.35 9.69
CA SER B 185 19.48 -24.27 8.70
C SER B 185 18.23 -24.48 7.82
N ALA B 186 17.78 -25.77 7.65
CA ALA B 186 16.59 -26.10 6.85
C ALA B 186 15.27 -25.89 7.62
N SER B 187 15.36 -25.63 8.93
CA SER B 187 14.21 -25.50 9.83
C SER B 187 13.82 -24.07 10.23
N ILE B 188 14.39 -23.06 9.57
CA ILE B 188 14.08 -21.63 9.77
C ILE B 188 13.83 -20.97 8.43
N VAL B 189 12.72 -20.21 8.31
CA VAL B 189 12.44 -19.45 7.10
C VAL B 189 12.22 -18.01 7.55
N TYR B 190 12.85 -17.06 6.86
CA TYR B 190 12.69 -15.62 7.14
C TYR B 190 11.62 -15.03 6.22
N ILE B 191 10.90 -14.01 6.72
CA ILE B 191 9.94 -13.30 5.89
C ILE B 191 10.10 -11.84 6.23
N GLY B 192 10.26 -11.01 5.22
CA GLY B 192 10.26 -9.54 5.39
C GLY B 192 11.59 -8.83 5.24
N LEU B 193 12.68 -9.58 5.03
CA LEU B 193 14.04 -9.03 5.02
C LEU B 193 14.22 -7.87 4.07
N ARG B 194 14.91 -6.84 4.57
CA ARG B 194 15.24 -5.65 3.75
C ARG B 194 16.46 -4.85 4.25
N ASP B 195 17.07 -5.25 5.36
CA ASP B 195 18.24 -4.55 5.89
C ASP B 195 19.19 -5.63 6.39
N VAL B 196 19.93 -6.21 5.45
CA VAL B 196 20.81 -7.35 5.71
C VAL B 196 22.27 -6.93 5.58
N ASP B 197 23.06 -7.14 6.64
CA ASP B 197 24.48 -6.79 6.63
C ASP B 197 25.24 -7.72 5.68
N PRO B 198 26.33 -7.23 5.02
CA PRO B 198 27.09 -8.13 4.13
C PRO B 198 27.48 -9.50 4.75
N PRO B 199 27.98 -9.64 6.01
CA PRO B 199 28.25 -10.99 6.52
C PRO B 199 26.97 -11.84 6.66
N GLU B 200 25.83 -11.20 6.94
CA GLU B 200 24.54 -11.93 7.07
C GLU B 200 24.11 -12.50 5.72
N HIS B 201 24.28 -11.71 4.64
CA HIS B 201 23.99 -12.14 3.28
C HIS B 201 24.84 -13.36 2.95
N PHE B 202 26.15 -13.32 3.34
CA PHE B 202 27.08 -14.42 3.15
C PHE B 202 26.55 -15.68 3.85
N ILE B 203 26.15 -15.56 5.14
CA ILE B 203 25.61 -16.67 5.91
C ILE B 203 24.34 -17.23 5.24
N LEU B 204 23.38 -16.37 4.91
CA LEU B 204 22.14 -16.85 4.29
C LEU B 204 22.42 -17.62 3.00
N LYS B 205 23.31 -17.08 2.15
CA LYS B 205 23.62 -17.73 0.88
C LYS B 205 24.41 -19.03 1.06
N ASN B 206 25.52 -18.97 1.82
CA ASN B 206 26.40 -20.14 1.95
C ASN B 206 25.84 -21.27 2.80
N TYR B 207 24.87 -20.99 3.70
CA TYR B 207 24.26 -22.05 4.49
C TYR B 207 22.89 -22.45 3.96
N ASP B 208 22.52 -21.90 2.79
CA ASP B 208 21.27 -22.18 2.07
C ASP B 208 20.05 -22.04 2.98
N ILE B 209 20.01 -20.92 3.75
CA ILE B 209 18.89 -20.63 4.62
C ILE B 209 17.88 -19.91 3.74
N GLN B 210 16.65 -20.42 3.72
CA GLN B 210 15.58 -19.89 2.87
C GLN B 210 14.98 -18.63 3.45
N TYR B 211 14.79 -17.65 2.60
CA TYR B 211 14.18 -16.38 3.00
C TYR B 211 13.32 -15.82 1.90
N PHE B 212 12.28 -15.09 2.32
CA PHE B 212 11.42 -14.36 1.43
C PHE B 212 11.61 -12.90 1.81
N SER B 213 12.49 -12.22 1.10
CA SER B 213 12.77 -10.79 1.36
C SER B 213 11.56 -9.96 0.90
N MET B 214 11.60 -8.62 1.13
CA MET B 214 10.53 -7.79 0.60
C MET B 214 10.47 -7.92 -0.93
N ARG B 215 11.65 -8.10 -1.57
CA ARG B 215 11.65 -8.22 -3.03
C ARG B 215 10.96 -9.54 -3.44
N ASP B 216 11.16 -10.62 -2.67
CA ASP B 216 10.44 -11.87 -2.95
C ASP B 216 8.94 -11.71 -2.77
N ILE B 217 8.51 -10.91 -1.76
CA ILE B 217 7.08 -10.68 -1.55
C ILE B 217 6.53 -9.84 -2.71
N ASP B 218 7.30 -8.86 -3.22
CA ASP B 218 6.91 -7.99 -4.34
C ASP B 218 6.62 -8.82 -5.59
N ARG B 219 7.42 -9.89 -5.76
CA ARG B 219 7.31 -10.79 -6.91
C ARG B 219 6.20 -11.84 -6.75
N LEU B 220 6.23 -12.57 -5.63
CA LEU B 220 5.31 -13.69 -5.39
C LEU B 220 3.94 -13.33 -4.86
N GLY B 221 3.90 -12.30 -4.00
CA GLY B 221 2.70 -11.99 -3.25
C GLY B 221 2.70 -12.81 -1.96
N ILE B 222 2.11 -12.25 -0.88
CA ILE B 222 2.16 -12.92 0.42
C ILE B 222 1.49 -14.34 0.45
N GLN B 223 0.44 -14.57 -0.38
CA GLN B 223 -0.19 -15.89 -0.38
C GLN B 223 0.83 -16.96 -0.79
N LYS B 224 1.54 -16.74 -1.90
CA LYS B 224 2.53 -17.72 -2.37
C LYS B 224 3.72 -17.79 -1.41
N VAL B 225 4.06 -16.66 -0.77
CA VAL B 225 5.14 -16.68 0.22
C VAL B 225 4.78 -17.64 1.38
N MET B 226 3.53 -17.57 1.90
CA MET B 226 3.14 -18.45 3.01
C MET B 226 3.08 -19.89 2.55
N GLU B 227 2.50 -20.13 1.35
CA GLU B 227 2.43 -21.52 0.82
C GLU B 227 3.83 -22.12 0.75
N ARG B 228 4.78 -21.38 0.15
CA ARG B 228 6.16 -21.85 0.01
C ARG B 228 6.84 -22.03 1.36
N THR B 229 6.59 -21.12 2.31
CA THR B 229 7.17 -21.22 3.65
C THR B 229 6.76 -22.55 4.31
N PHE B 230 5.45 -22.88 4.24
CA PHE B 230 4.93 -24.10 4.82
C PHE B 230 5.42 -25.34 4.07
N ASP B 231 5.58 -25.25 2.75
CA ASP B 231 6.15 -26.39 1.98
C ASP B 231 7.56 -26.69 2.51
N LEU B 232 8.35 -25.65 2.79
CA LEU B 232 9.72 -25.80 3.26
C LEU B 232 9.82 -26.34 4.68
N LEU B 233 8.89 -25.92 5.54
CA LEU B 233 8.97 -26.27 6.95
C LEU B 233 8.12 -27.44 7.39
N ILE B 234 6.84 -27.48 6.97
CA ILE B 234 5.90 -28.52 7.38
C ILE B 234 5.37 -29.36 6.20
N GLY B 235 6.08 -29.32 5.08
CA GLY B 235 5.68 -30.06 3.89
C GLY B 235 5.82 -31.56 4.07
N LYS B 236 6.89 -31.99 4.75
CA LYS B 236 7.19 -33.42 4.99
C LYS B 236 6.40 -33.99 6.15
N ARG B 237 6.31 -33.22 7.25
CA ARG B 237 5.61 -33.66 8.45
C ARG B 237 5.10 -32.47 9.27
N GLN B 238 4.08 -32.74 10.09
CA GLN B 238 3.51 -31.73 10.99
C GLN B 238 4.56 -31.52 12.03
N ARG B 239 4.89 -30.25 12.29
CA ARG B 239 5.90 -29.85 13.25
C ARG B 239 5.39 -28.67 14.06
N PRO B 240 5.76 -28.57 15.36
CA PRO B 240 5.36 -27.39 16.15
C PRO B 240 6.04 -26.15 15.53
N ILE B 241 5.28 -25.05 15.42
CA ILE B 241 5.81 -23.83 14.82
C ILE B 241 6.15 -22.81 15.89
N HIS B 242 7.33 -22.23 15.78
CA HIS B 242 7.75 -21.11 16.60
C HIS B 242 7.73 -19.85 15.69
N LEU B 243 6.78 -18.94 15.92
CA LEU B 243 6.72 -17.70 15.17
C LEU B 243 7.47 -16.63 15.91
N SER B 244 8.62 -16.18 15.36
CA SER B 244 9.35 -15.07 16.05
C SER B 244 9.12 -13.82 15.22
N PHE B 245 8.28 -12.92 15.74
CA PHE B 245 7.80 -11.77 15.00
C PHE B 245 8.32 -10.44 15.53
N ASP B 246 9.22 -9.82 14.76
CA ASP B 246 9.78 -8.51 15.10
C ASP B 246 8.80 -7.50 14.52
N ILE B 247 8.31 -6.53 15.35
CA ILE B 247 7.37 -5.52 14.87
C ILE B 247 7.93 -4.68 13.70
N ASP B 248 9.28 -4.55 13.62
CA ASP B 248 9.91 -3.77 12.56
C ASP B 248 9.78 -4.44 11.19
N ALA B 249 9.21 -5.68 11.11
CA ALA B 249 8.95 -6.28 9.79
C ALA B 249 7.93 -5.38 9.01
N PHE B 250 7.00 -4.74 9.78
CA PHE B 250 6.00 -3.86 9.19
C PHE B 250 6.64 -2.53 8.76
N ASP B 251 6.04 -1.87 7.77
CA ASP B 251 6.51 -0.56 7.33
C ASP B 251 6.50 0.40 8.55
N PRO B 252 7.51 1.30 8.65
CA PRO B 252 7.56 2.26 9.78
C PRO B 252 6.34 3.17 9.88
N THR B 253 5.56 3.37 8.78
CA THR B 253 4.35 4.19 8.83
C THR B 253 3.31 3.51 9.72
N LEU B 254 3.34 2.15 9.78
CA LEU B 254 2.41 1.32 10.55
C LEU B 254 2.95 0.96 11.95
N ALA B 255 4.27 0.81 12.07
CA ALA B 255 4.90 0.40 13.32
C ALA B 255 6.08 1.35 13.61
N PRO B 256 5.78 2.64 13.89
CA PRO B 256 6.88 3.59 14.13
C PRO B 256 7.63 3.36 15.44
N ALA B 257 6.96 2.82 16.47
CA ALA B 257 7.57 2.69 17.79
C ALA B 257 8.50 1.48 17.89
N THR B 258 9.69 1.58 17.26
CA THR B 258 10.66 0.48 17.22
C THR B 258 12.07 1.07 16.99
N GLY B 259 13.09 0.33 17.39
CA GLY B 259 14.50 0.76 17.37
C GLY B 259 15.21 0.90 16.03
N THR B 260 15.00 -0.07 15.13
CA THR B 260 15.68 -0.08 13.82
C THR B 260 14.66 -0.07 12.67
N PRO B 261 13.89 1.03 12.48
CA PRO B 261 12.88 1.04 11.41
C PRO B 261 13.53 1.10 10.04
N VAL B 262 12.94 0.37 9.07
CA VAL B 262 13.43 0.36 7.69
C VAL B 262 12.24 0.55 6.75
N VAL B 263 12.28 1.60 5.91
CA VAL B 263 11.22 1.90 4.95
C VAL B 263 10.96 0.70 4.00
N GLY B 264 9.72 0.60 3.50
CA GLY B 264 9.34 -0.42 2.53
C GLY B 264 9.05 -1.78 3.13
N GLY B 265 8.31 -1.80 4.24
CA GLY B 265 8.01 -3.05 4.92
C GLY B 265 6.66 -3.64 4.58
N LEU B 266 6.25 -4.63 5.40
CA LEU B 266 4.95 -5.29 5.22
C LEU B 266 3.83 -4.29 5.42
N THR B 267 2.75 -4.46 4.66
CA THR B 267 1.56 -3.66 4.89
C THR B 267 0.80 -4.33 6.07
N TYR B 268 -0.22 -3.62 6.62
CA TYR B 268 -1.06 -4.19 7.68
C TYR B 268 -1.64 -5.51 7.17
N ARG B 269 -2.21 -5.49 5.94
CA ARG B 269 -2.82 -6.70 5.34
C ARG B 269 -1.84 -7.85 5.22
N GLU B 270 -0.59 -7.58 4.75
CA GLU B 270 0.39 -8.69 4.63
C GLU B 270 0.73 -9.30 5.99
N GLY B 271 0.93 -8.47 7.00
CA GLY B 271 1.24 -8.95 8.35
C GLY B 271 0.11 -9.79 8.95
N MET B 272 -1.14 -9.35 8.76
CA MET B 272 -2.31 -10.13 9.25
C MET B 272 -2.38 -11.44 8.50
N TYR B 273 -2.10 -11.39 7.20
CA TYR B 273 -2.16 -12.61 6.39
C TYR B 273 -1.16 -13.67 6.90
N ILE B 274 0.08 -13.23 7.19
CA ILE B 274 1.09 -14.14 7.76
C ILE B 274 0.53 -14.85 9.00
N ALA B 275 0.03 -14.06 9.97
CA ALA B 275 -0.50 -14.54 11.24
C ALA B 275 -1.70 -15.45 11.04
N GLU B 276 -2.64 -15.07 10.15
CA GLU B 276 -3.83 -15.88 9.82
C GLU B 276 -3.38 -17.26 9.29
N GLU B 277 -2.40 -17.27 8.39
CA GLU B 277 -1.95 -18.55 7.80
C GLU B 277 -1.29 -19.44 8.85
N ILE B 278 -0.52 -18.83 9.76
CA ILE B 278 0.13 -19.54 10.88
C ILE B 278 -1.00 -20.18 11.74
N HIS B 279 -2.03 -19.40 12.07
CA HIS B 279 -3.17 -19.95 12.81
C HIS B 279 -3.81 -21.15 12.06
N ASN B 280 -4.04 -21.01 10.74
CA ASN B 280 -4.69 -22.04 9.91
C ASN B 280 -3.95 -23.38 9.88
N THR B 281 -2.62 -23.41 10.18
CA THR B 281 -1.86 -24.69 10.25
C THR B 281 -2.33 -25.53 11.46
N GLY B 282 -2.78 -24.86 12.52
CA GLY B 282 -3.11 -25.45 13.81
C GLY B 282 -1.85 -25.98 14.52
N LEU B 283 -0.65 -25.51 14.09
CA LEU B 283 0.62 -25.98 14.64
C LEU B 283 1.38 -24.96 15.47
N LEU B 284 0.87 -23.72 15.59
CA LEU B 284 1.56 -22.70 16.37
C LEU B 284 1.76 -23.18 17.81
N SER B 285 3.02 -23.17 18.27
CA SER B 285 3.40 -23.68 19.59
C SER B 285 4.02 -22.60 20.49
N ALA B 286 4.69 -21.60 19.90
CA ALA B 286 5.23 -20.46 20.63
C ALA B 286 5.32 -19.28 19.69
N LEU B 287 5.15 -18.08 20.22
CA LEU B 287 5.17 -16.85 19.44
C LEU B 287 5.94 -15.81 20.25
N ASP B 288 6.83 -15.07 19.59
CA ASP B 288 7.55 -13.93 20.21
C ASP B 288 7.04 -12.67 19.51
N LEU B 289 6.70 -11.64 20.26
CA LEU B 289 6.30 -10.36 19.67
C LEU B 289 7.27 -9.37 20.27
N VAL B 290 8.27 -8.98 19.46
CA VAL B 290 9.41 -8.20 19.94
C VAL B 290 9.60 -6.82 19.28
N GLU B 291 10.48 -6.06 19.93
CA GLU B 291 11.02 -4.78 19.52
C GLU B 291 10.03 -3.62 19.54
N VAL B 292 8.89 -3.73 20.26
CA VAL B 292 8.00 -2.57 20.41
C VAL B 292 8.69 -1.69 21.46
N ASN B 293 9.00 -0.45 21.09
CA ASN B 293 9.67 0.50 22.00
C ASN B 293 8.80 1.75 22.00
N PRO B 294 7.83 1.88 22.97
CA PRO B 294 6.92 3.04 22.94
C PRO B 294 7.59 4.39 23.02
N GLN B 295 8.80 4.47 23.63
CA GLN B 295 9.59 5.70 23.79
C GLN B 295 10.08 6.30 22.47
N LEU B 296 10.15 5.47 21.39
CA LEU B 296 10.66 5.94 20.09
C LEU B 296 9.57 6.47 19.20
N ALA B 297 8.31 6.41 19.65
CA ALA B 297 7.20 6.99 18.90
C ALA B 297 7.32 8.51 19.07
N THR B 298 6.83 9.29 18.08
CA THR B 298 6.90 10.75 18.19
C THR B 298 5.65 11.26 18.90
N SER B 299 4.60 10.40 19.00
CA SER B 299 3.34 10.76 19.64
C SER B 299 2.68 9.54 20.30
N GLU B 300 1.69 9.80 21.17
CA GLU B 300 0.93 8.73 21.85
C GLU B 300 0.18 7.87 20.82
N GLU B 301 -0.40 8.50 19.77
CA GLU B 301 -1.12 7.77 18.73
C GLU B 301 -0.17 6.82 17.96
N GLU B 302 1.09 7.25 17.73
CA GLU B 302 2.15 6.44 17.09
C GLU B 302 2.48 5.23 17.98
N ALA B 303 2.63 5.44 19.31
CA ALA B 303 2.91 4.37 20.27
C ALA B 303 1.75 3.40 20.38
N LYS B 304 0.52 3.93 20.51
CA LYS B 304 -0.68 3.11 20.64
C LYS B 304 -0.94 2.31 19.37
N THR B 305 -0.70 2.93 18.18
CA THR B 305 -0.83 2.26 16.87
C THR B 305 0.09 1.03 16.82
N THR B 306 1.34 1.19 17.25
CA THR B 306 2.33 0.10 17.26
C THR B 306 1.90 -1.02 18.21
N ALA B 307 1.48 -0.65 19.45
CA ALA B 307 0.99 -1.60 20.45
C ALA B 307 -0.30 -2.31 19.96
N ASN B 308 -1.25 -1.59 19.33
CA ASN B 308 -2.50 -2.15 18.76
C ASN B 308 -2.15 -3.15 17.66
N LEU B 309 -1.15 -2.82 16.83
CA LEU B 309 -0.70 -3.71 15.77
C LEU B 309 -0.14 -5.00 16.36
N ALA B 310 0.69 -4.88 17.45
CA ALA B 310 1.26 -6.04 18.13
C ALA B 310 0.12 -6.94 18.63
N VAL B 311 -0.93 -6.35 19.23
CA VAL B 311 -2.09 -7.12 19.69
C VAL B 311 -2.78 -7.82 18.49
N ASP B 312 -2.94 -7.10 17.36
CA ASP B 312 -3.56 -7.68 16.17
C ASP B 312 -2.78 -8.90 15.65
N VAL B 313 -1.46 -8.82 15.62
CA VAL B 313 -0.64 -9.97 15.18
C VAL B 313 -0.90 -11.19 16.08
N ILE B 314 -0.84 -10.97 17.42
CA ILE B 314 -1.02 -12.06 18.38
C ILE B 314 -2.43 -12.65 18.28
N ALA B 315 -3.44 -11.78 18.23
CA ALA B 315 -4.85 -12.19 18.09
C ALA B 315 -5.06 -12.99 16.80
N SER B 316 -4.40 -12.56 15.69
CA SER B 316 -4.58 -13.24 14.40
C SER B 316 -3.90 -14.58 14.40
N SER B 317 -2.88 -14.74 15.25
CA SER B 317 -2.17 -16.00 15.35
C SER B 317 -3.02 -17.04 16.12
N PHE B 318 -4.07 -16.57 16.85
CA PHE B 318 -4.97 -17.43 17.60
C PHE B 318 -6.44 -17.41 17.12
N GLY B 319 -6.69 -16.97 15.87
CA GLY B 319 -8.03 -17.04 15.32
C GLY B 319 -8.70 -15.77 14.85
N GLN B 320 -8.22 -14.58 15.26
CA GLN B 320 -8.83 -13.35 14.73
C GLN B 320 -8.60 -13.31 13.19
N THR B 321 -9.64 -12.97 12.43
CA THR B 321 -9.53 -12.85 10.98
C THR B 321 -10.30 -11.62 10.51
N ARG B 322 -10.11 -11.25 9.26
CA ARG B 322 -10.77 -10.11 8.61
C ARG B 322 -12.27 -10.37 8.40
N GLU B 323 -12.69 -11.62 8.21
CA GLU B 323 -14.10 -11.96 7.93
C GLU B 323 -14.95 -12.27 9.15
N GLY B 324 -14.31 -12.40 10.31
CA GLY B 324 -15.00 -12.85 11.50
C GLY B 324 -15.11 -14.36 11.36
N GLY B 325 -16.01 -14.96 12.10
CA GLY B 325 -16.11 -16.40 12.01
C GLY B 325 -15.33 -17.10 13.10
N HIS B 326 -14.52 -16.34 13.88
CA HIS B 326 -13.79 -16.88 15.04
C HIS B 326 -14.79 -17.19 16.15
N ILE B 327 -15.74 -16.28 16.36
CA ILE B 327 -16.82 -16.43 17.33
C ILE B 327 -17.96 -17.12 16.57
N VAL B 328 -18.42 -18.28 17.07
CA VAL B 328 -19.49 -19.09 16.48
C VAL B 328 -20.87 -18.59 16.96
N TYR B 329 -21.76 -18.32 16.00
CA TYR B 329 -23.12 -17.85 16.25
C TYR B 329 -24.07 -19.03 16.01
N ASP B 330 -24.86 -19.40 17.03
CA ASP B 330 -25.75 -20.56 17.00
C ASP B 330 -26.96 -20.44 16.05
N GLN B 331 -27.86 -19.49 16.30
CA GLN B 331 -29.10 -19.27 15.56
C GLN B 331 -29.50 -17.80 15.62
N LEU B 332 -30.21 -17.33 14.59
CA LEU B 332 -30.72 -15.97 14.54
C LEU B 332 -31.97 -15.85 15.41
N PRO B 333 -32.15 -14.73 16.17
CA PRO B 333 -33.38 -14.58 16.97
C PRO B 333 -34.57 -14.27 16.05
N THR B 334 -35.75 -14.81 16.37
CA THR B 334 -36.97 -14.61 15.59
C THR B 334 -37.86 -13.52 16.19
N PRO B 335 -38.59 -12.72 15.36
CA PRO B 335 -39.46 -11.67 15.92
C PRO B 335 -40.62 -12.23 16.74
N VAL C 18 -21.83 8.98 -23.74
CA VAL C 18 -22.65 9.98 -23.05
C VAL C 18 -23.54 9.29 -21.99
N HIS C 19 -23.36 9.68 -20.72
CA HIS C 19 -24.13 9.16 -19.59
C HIS C 19 -25.01 10.25 -19.03
N SER C 20 -26.30 9.98 -18.84
CA SER C 20 -27.21 10.95 -18.19
C SER C 20 -27.13 10.66 -16.69
N VAL C 21 -26.62 11.62 -15.90
CA VAL C 21 -26.40 11.43 -14.46
C VAL C 21 -27.17 12.42 -13.57
N ALA C 22 -28.01 11.88 -12.66
CA ALA C 22 -28.78 12.65 -11.68
C ALA C 22 -28.06 12.58 -10.34
N VAL C 23 -27.72 13.74 -9.75
CA VAL C 23 -27.04 13.86 -8.46
C VAL C 23 -28.09 14.26 -7.40
N ILE C 24 -28.23 13.42 -6.37
CA ILE C 24 -29.17 13.63 -5.26
C ILE C 24 -28.38 13.75 -3.96
N GLY C 25 -28.57 14.86 -3.27
CA GLY C 25 -27.98 15.10 -1.97
C GLY C 25 -28.94 14.53 -0.94
N ALA C 26 -28.57 13.41 -0.28
CA ALA C 26 -29.41 12.80 0.75
C ALA C 26 -28.70 12.98 2.11
N PRO C 27 -28.93 14.12 2.80
CA PRO C 27 -28.19 14.39 4.04
C PRO C 27 -28.70 13.61 5.27
N PHE C 28 -28.68 12.27 5.18
CA PHE C 28 -29.09 11.33 6.24
C PHE C 28 -28.05 11.34 7.37
N SER C 29 -28.50 11.27 8.63
CA SER C 29 -27.59 11.19 9.78
C SER C 29 -28.17 10.34 10.89
N GLN C 30 -29.51 10.16 10.88
CA GLN C 30 -30.26 9.43 11.91
C GLN C 30 -30.08 7.90 11.87
N GLY C 31 -29.32 7.39 10.89
CA GLY C 31 -29.03 5.96 10.80
C GLY C 31 -27.91 5.54 11.74
N GLN C 32 -27.23 6.54 12.36
CA GLN C 32 -26.13 6.38 13.32
C GLN C 32 -26.09 7.54 14.34
N LYS C 33 -25.17 7.48 15.33
CA LYS C 33 -25.11 8.49 16.40
C LYS C 33 -24.13 9.65 16.19
N ARG C 34 -23.14 9.49 15.29
CA ARG C 34 -22.15 10.54 15.05
C ARG C 34 -22.67 11.62 14.09
N LYS C 35 -22.68 12.87 14.55
CA LYS C 35 -23.17 14.00 13.76
C LYS C 35 -22.09 14.53 12.81
N GLY C 36 -22.54 15.08 11.67
CA GLY C 36 -21.67 15.67 10.66
C GLY C 36 -21.76 15.06 9.28
N VAL C 37 -22.20 13.78 9.20
CA VAL C 37 -22.34 12.99 7.98
C VAL C 37 -23.41 13.61 7.01
N GLU C 38 -24.28 14.49 7.54
CA GLU C 38 -25.30 15.21 6.75
C GLU C 38 -24.65 16.26 5.84
N HIS C 39 -23.40 16.67 6.16
CA HIS C 39 -22.64 17.66 5.40
C HIS C 39 -21.78 17.00 4.31
N GLY C 40 -21.92 15.68 4.19
CA GLY C 40 -21.25 14.84 3.20
C GLY C 40 -21.61 15.19 1.76
N PRO C 41 -22.93 15.31 1.40
CA PRO C 41 -23.27 15.66 -0.01
C PRO C 41 -22.70 17.00 -0.47
N ALA C 42 -22.67 18.01 0.41
CA ALA C 42 -22.12 19.33 0.11
C ALA C 42 -20.60 19.27 -0.01
N ALA C 43 -19.92 18.48 0.87
CA ALA C 43 -18.45 18.31 0.87
C ALA C 43 -17.98 17.72 -0.46
N ILE C 44 -18.78 16.78 -1.01
CA ILE C 44 -18.52 16.12 -2.28
C ILE C 44 -18.70 17.13 -3.44
N ARG C 45 -19.73 18.00 -3.34
CA ARG C 45 -20.00 19.05 -4.34
C ARG C 45 -18.89 20.10 -4.34
N GLU C 46 -18.46 20.54 -3.13
CA GLU C 46 -17.38 21.52 -2.95
C GLU C 46 -16.04 20.99 -3.47
N ALA C 47 -15.89 19.65 -3.54
CA ALA C 47 -14.71 18.97 -4.06
C ALA C 47 -14.73 18.92 -5.61
N GLY C 48 -15.70 19.61 -6.20
CA GLY C 48 -15.87 19.76 -7.65
C GLY C 48 -16.45 18.61 -8.42
N LEU C 49 -17.43 17.88 -7.83
CA LEU C 49 -18.11 16.73 -8.44
C LEU C 49 -18.77 17.03 -9.79
N MET C 50 -19.51 18.16 -9.86
CA MET C 50 -20.24 18.56 -11.07
C MET C 50 -19.29 18.91 -12.20
N LYS C 51 -18.28 19.77 -11.94
CA LYS C 51 -17.23 20.14 -12.90
C LYS C 51 -16.56 18.87 -13.47
N ARG C 52 -16.34 17.86 -12.59
CA ARG C 52 -15.73 16.59 -12.99
C ARG C 52 -16.61 15.73 -13.89
N LEU C 53 -17.89 15.52 -13.51
CA LEU C 53 -18.79 14.70 -14.31
C LEU C 53 -19.10 15.35 -15.67
N SER C 54 -19.10 16.70 -15.73
CA SER C 54 -19.34 17.47 -16.96
C SER C 54 -18.19 17.25 -17.96
N SER C 55 -16.94 17.30 -17.45
CA SER C 55 -15.71 17.09 -18.21
C SER C 55 -15.67 15.70 -18.86
N LEU C 56 -16.48 14.76 -18.33
CA LEU C 56 -16.61 13.38 -18.80
C LEU C 56 -17.71 13.23 -19.87
N GLY C 57 -18.34 14.36 -20.22
CA GLY C 57 -19.40 14.40 -21.22
C GLY C 57 -20.75 13.94 -20.73
N CYS C 58 -20.95 13.87 -19.40
CA CYS C 58 -22.23 13.45 -18.80
C CYS C 58 -23.28 14.54 -18.99
N HIS C 59 -24.54 14.14 -19.15
CA HIS C 59 -25.67 15.07 -19.19
C HIS C 59 -26.16 15.11 -17.73
N LEU C 60 -25.94 16.23 -17.03
CA LEU C 60 -26.22 16.35 -15.60
C LEU C 60 -27.52 16.99 -15.16
N LYS C 61 -28.09 16.42 -14.08
CA LYS C 61 -29.21 16.99 -13.36
C LYS C 61 -28.86 16.92 -11.88
N ASP C 62 -28.82 18.06 -11.21
CA ASP C 62 -28.57 18.12 -9.78
C ASP C 62 -29.90 18.45 -9.12
N PHE C 63 -30.37 17.57 -8.23
CA PHE C 63 -31.62 17.80 -7.51
C PHE C 63 -31.37 18.65 -6.25
N GLY C 64 -30.10 18.96 -5.99
CA GLY C 64 -29.66 19.68 -4.80
C GLY C 64 -29.78 18.75 -3.62
N ASP C 65 -29.84 19.30 -2.39
CA ASP C 65 -30.00 18.47 -1.19
C ASP C 65 -31.48 18.35 -0.79
N LEU C 66 -31.97 17.11 -0.70
CA LEU C 66 -33.35 16.80 -0.30
C LEU C 66 -33.57 17.22 1.15
N SER C 67 -34.74 17.80 1.43
CA SER C 67 -35.12 18.21 2.78
C SER C 67 -36.19 17.25 3.27
N PHE C 68 -35.75 16.22 4.04
CA PHE C 68 -36.62 15.19 4.59
C PHE C 68 -37.48 15.75 5.73
N THR C 69 -38.71 15.23 5.86
CA THR C 69 -39.69 15.63 6.88
C THR C 69 -39.21 15.18 8.27
N PRO C 70 -38.91 16.11 9.20
CA PRO C 70 -38.43 15.70 10.53
C PRO C 70 -39.55 15.17 11.43
N VAL C 71 -39.28 14.04 12.11
CA VAL C 71 -40.23 13.40 13.03
C VAL C 71 -39.87 13.88 14.45
N PRO C 72 -40.73 14.72 15.11
CA PRO C 72 -40.39 15.21 16.45
C PRO C 72 -40.50 14.12 17.53
N LYS C 73 -41.57 13.31 17.48
CA LYS C 73 -41.79 12.21 18.43
C LYS C 73 -41.40 10.89 17.77
N ASP C 74 -40.17 10.43 18.06
CA ASP C 74 -39.61 9.19 17.53
C ASP C 74 -38.73 8.51 18.58
N ASP C 75 -39.38 7.84 19.55
CA ASP C 75 -38.67 7.12 20.62
C ASP C 75 -38.08 5.81 20.12
N LEU C 76 -37.08 5.27 20.85
CA LEU C 76 -36.36 4.05 20.49
C LEU C 76 -37.24 2.79 20.53
N TYR C 77 -37.08 1.93 19.50
CA TYR C 77 -37.79 0.66 19.30
C TYR C 77 -37.11 -0.45 20.11
N ASN C 78 -37.88 -1.08 21.03
CA ASN C 78 -37.45 -2.16 21.95
C ASN C 78 -36.19 -1.78 22.76
N ASN C 79 -36.14 -0.49 23.21
CA ASN C 79 -35.07 0.11 24.00
C ASN C 79 -33.66 -0.09 23.37
N LEU C 80 -33.58 -0.08 22.02
CA LEU C 80 -32.32 -0.30 21.29
C LEU C 80 -32.23 0.47 19.96
N ILE C 81 -33.18 0.24 19.01
CA ILE C 81 -33.20 0.87 17.67
C ILE C 81 -33.46 2.38 17.75
N VAL C 82 -32.43 3.18 17.44
CA VAL C 82 -32.49 4.65 17.48
C VAL C 82 -33.07 5.22 16.16
N ASN C 83 -33.94 6.24 16.29
CA ASN C 83 -34.64 6.98 15.22
C ASN C 83 -35.27 6.06 14.14
N PRO C 84 -36.14 5.05 14.46
CA PRO C 84 -36.66 4.20 13.38
C PRO C 84 -37.55 4.93 12.38
N ARG C 85 -38.61 5.63 12.85
CA ARG C 85 -39.55 6.39 12.01
C ARG C 85 -38.85 7.40 11.11
N SER C 86 -37.88 8.16 11.67
CA SER C 86 -37.10 9.18 10.96
C SER C 86 -36.32 8.57 9.78
N VAL C 87 -35.64 7.43 10.00
CA VAL C 87 -34.85 6.71 8.98
C VAL C 87 -35.78 6.10 7.92
N GLY C 88 -36.87 5.48 8.38
CA GLY C 88 -37.86 4.84 7.51
C GLY C 88 -38.59 5.78 6.57
N LEU C 89 -38.95 6.98 7.08
CA LEU C 89 -39.69 8.00 6.32
C LEU C 89 -38.78 8.71 5.31
N ALA C 90 -37.54 9.06 5.73
CA ALA C 90 -36.57 9.71 4.86
C ALA C 90 -36.20 8.79 3.69
N ASN C 91 -36.13 7.48 3.94
CA ASN C 91 -35.85 6.48 2.90
C ASN C 91 -37.04 6.37 1.95
N GLN C 92 -38.27 6.52 2.46
CA GLN C 92 -39.50 6.45 1.64
C GLN C 92 -39.53 7.61 0.66
N GLU C 93 -39.16 8.82 1.12
CA GLU C 93 -39.09 10.05 0.33
C GLU C 93 -37.97 9.91 -0.71
N LEU C 94 -36.81 9.39 -0.28
CA LEU C 94 -35.66 9.17 -1.14
C LEU C 94 -35.95 8.16 -2.25
N ALA C 95 -36.63 7.03 -1.93
CA ALA C 95 -37.00 5.99 -2.88
C ALA C 95 -37.88 6.52 -4.03
N GLU C 96 -38.75 7.51 -3.73
CA GLU C 96 -39.63 8.19 -4.68
C GLU C 96 -38.80 9.05 -5.64
N VAL C 97 -37.90 9.92 -5.09
CA VAL C 97 -37.01 10.82 -5.86
C VAL C 97 -36.09 9.99 -6.78
N VAL C 98 -35.58 8.86 -6.26
CA VAL C 98 -34.73 7.90 -6.97
C VAL C 98 -35.55 7.23 -8.08
N SER C 99 -36.79 6.79 -7.79
CA SER C 99 -37.66 6.15 -8.78
C SER C 99 -37.98 7.10 -9.94
N ARG C 100 -38.22 8.39 -9.63
CA ARG C 100 -38.52 9.45 -10.60
C ARG C 100 -37.29 9.80 -11.45
N ALA C 101 -36.10 9.92 -10.82
CA ALA C 101 -34.82 10.21 -11.52
C ALA C 101 -34.47 9.08 -12.49
N VAL C 102 -34.69 7.81 -12.07
CA VAL C 102 -34.44 6.62 -12.90
C VAL C 102 -35.37 6.67 -14.10
N SER C 103 -36.68 6.87 -13.84
CA SER C 103 -37.78 6.98 -14.81
C SER C 103 -37.48 8.02 -15.90
N ASP C 104 -36.91 9.18 -15.51
CA ASP C 104 -36.53 10.29 -16.39
C ASP C 104 -35.31 9.97 -17.27
N GLY C 105 -34.74 8.78 -17.13
CA GLY C 105 -33.58 8.30 -17.89
C GLY C 105 -32.22 8.64 -17.32
N TYR C 106 -32.14 8.97 -16.02
CA TYR C 106 -30.86 9.31 -15.40
C TYR C 106 -30.25 8.19 -14.55
N SER C 107 -28.91 8.05 -14.58
CA SER C 107 -28.15 7.12 -13.73
C SER C 107 -28.10 7.87 -12.42
N CYS C 108 -28.65 7.26 -11.36
CA CYS C 108 -28.81 7.96 -10.10
C CYS C 108 -27.63 7.84 -9.16
N VAL C 109 -27.03 8.98 -8.84
CA VAL C 109 -25.91 9.15 -7.91
C VAL C 109 -26.46 9.81 -6.64
N THR C 110 -26.56 9.01 -5.56
CA THR C 110 -27.01 9.51 -4.27
C THR C 110 -25.82 9.75 -3.36
N LEU C 111 -25.69 10.98 -2.88
CA LEU C 111 -24.62 11.39 -1.99
C LEU C 111 -25.13 11.32 -0.57
N GLY C 112 -24.36 10.62 0.27
CA GLY C 112 -24.65 10.44 1.68
C GLY C 112 -23.91 11.42 2.59
N GLY C 113 -24.31 11.49 3.86
CA GLY C 113 -25.38 10.70 4.46
C GLY C 113 -24.86 9.35 4.93
N ASP C 114 -25.52 8.73 5.93
CA ASP C 114 -25.08 7.43 6.43
C ASP C 114 -25.59 6.32 5.53
N HIS C 115 -25.06 5.08 5.67
CA HIS C 115 -25.43 3.98 4.78
C HIS C 115 -26.87 3.47 4.92
N SER C 116 -27.68 3.96 5.91
CA SER C 116 -29.07 3.46 5.95
C SER C 116 -29.85 3.94 4.71
N LEU C 117 -29.35 5.01 4.03
CA LEU C 117 -29.98 5.55 2.82
C LEU C 117 -30.03 4.54 1.66
N ALA C 118 -29.23 3.44 1.72
CA ALA C 118 -29.27 2.39 0.70
C ALA C 118 -30.65 1.72 0.72
N ILE C 119 -31.37 1.80 1.85
CA ILE C 119 -32.72 1.24 1.90
C ILE C 119 -33.57 1.95 0.83
N GLY C 120 -33.49 3.28 0.81
CA GLY C 120 -34.23 4.15 -0.11
C GLY C 120 -33.77 4.02 -1.56
N THR C 121 -32.45 4.17 -1.79
CA THR C 121 -31.87 4.09 -3.15
C THR C 121 -32.11 2.75 -3.81
N ILE C 122 -31.91 1.64 -3.08
CA ILE C 122 -32.08 0.30 -3.64
C ILE C 122 -33.57 0.02 -3.90
N SER C 123 -34.44 0.39 -2.93
CA SER C 123 -35.89 0.19 -3.07
C SER C 123 -36.45 0.89 -4.30
N GLY C 124 -36.11 2.17 -4.47
CA GLY C 124 -36.51 2.99 -5.60
C GLY C 124 -36.06 2.44 -6.94
N HIS C 125 -34.79 2.03 -7.01
CA HIS C 125 -34.16 1.45 -8.20
C HIS C 125 -34.82 0.12 -8.62
N ALA C 126 -35.11 -0.78 -7.65
CA ALA C 126 -35.70 -2.10 -7.90
C ALA C 126 -37.15 -2.07 -8.43
N ARG C 127 -37.86 -0.95 -8.22
CA ARG C 127 -39.24 -0.74 -8.71
C ARG C 127 -39.26 -0.80 -10.25
N HIS C 128 -38.26 -0.18 -10.92
CA HIS C 128 -38.11 -0.19 -12.38
C HIS C 128 -37.12 -1.27 -12.86
N CYS C 129 -36.18 -1.71 -11.99
CA CYS C 129 -35.19 -2.75 -12.30
C CYS C 129 -35.27 -3.98 -11.39
N PRO C 130 -36.30 -4.85 -11.50
CA PRO C 130 -36.38 -6.01 -10.59
C PRO C 130 -35.24 -7.03 -10.70
N ASP C 131 -34.55 -7.10 -11.85
CA ASP C 131 -33.43 -8.03 -12.03
C ASP C 131 -32.08 -7.38 -11.65
N LEU C 132 -32.11 -6.22 -10.93
CA LEU C 132 -30.86 -5.55 -10.52
C LEU C 132 -29.97 -6.45 -9.65
N CYS C 133 -28.67 -6.15 -9.68
CA CYS C 133 -27.72 -6.83 -8.83
C CYS C 133 -26.95 -5.76 -8.09
N VAL C 134 -26.44 -6.12 -6.90
CA VAL C 134 -25.79 -5.13 -6.05
C VAL C 134 -24.34 -5.48 -5.78
N VAL C 135 -23.48 -4.47 -5.96
CA VAL C 135 -22.06 -4.54 -5.58
C VAL C 135 -21.93 -3.61 -4.39
N TRP C 136 -21.72 -4.20 -3.20
CA TRP C 136 -21.64 -3.46 -1.95
C TRP C 136 -20.19 -3.36 -1.52
N VAL C 137 -19.62 -2.15 -1.61
CA VAL C 137 -18.19 -1.90 -1.31
C VAL C 137 -18.08 -1.24 0.04
N ASP C 138 -17.53 -1.99 1.01
CA ASP C 138 -17.55 -1.53 2.38
C ASP C 138 -16.65 -2.39 3.27
N ALA C 139 -16.20 -1.82 4.37
CA ALA C 139 -15.45 -2.56 5.40
C ALA C 139 -16.42 -3.50 6.17
N HIS C 140 -17.71 -3.15 6.09
CA HIS C 140 -18.82 -3.76 6.84
C HIS C 140 -19.86 -4.40 5.96
N ALA C 141 -20.52 -5.46 6.48
CA ALA C 141 -21.57 -6.11 5.71
C ALA C 141 -22.93 -5.45 5.89
N ASP C 142 -23.11 -4.55 6.92
CA ASP C 142 -24.35 -3.78 7.13
C ASP C 142 -25.58 -4.72 7.01
N ILE C 143 -25.44 -5.94 7.57
CA ILE C 143 -26.46 -6.96 7.43
C ILE C 143 -27.00 -7.42 8.81
N ASN C 144 -26.80 -6.61 9.87
CA ASN C 144 -27.39 -6.95 11.17
C ASN C 144 -28.90 -6.82 11.02
N THR C 145 -29.68 -7.66 11.71
CA THR C 145 -31.15 -7.54 11.71
C THR C 145 -31.47 -6.63 12.91
N PRO C 146 -32.69 -6.06 13.05
CA PRO C 146 -32.99 -5.23 14.25
C PRO C 146 -32.88 -5.98 15.60
N LEU C 147 -32.82 -7.32 15.54
CA LEU C 147 -32.68 -8.18 16.71
C LEU C 147 -31.21 -8.54 17.00
N THR C 148 -30.31 -8.52 15.96
CA THR C 148 -28.88 -8.87 16.14
C THR C 148 -27.99 -7.66 16.47
N THR C 149 -28.43 -6.44 16.12
CA THR C 149 -27.69 -5.22 16.37
C THR C 149 -27.41 -5.00 17.87
N SER C 150 -26.21 -4.51 18.20
CA SER C 150 -25.80 -4.21 19.56
C SER C 150 -25.83 -2.70 19.75
N SER C 151 -25.59 -1.96 18.66
CA SER C 151 -25.55 -0.50 18.66
C SER C 151 -26.93 0.15 18.49
N GLY C 152 -27.84 -0.55 17.82
CA GLY C 152 -29.15 -0.01 17.47
C GLY C 152 -29.11 0.99 16.31
N ASN C 153 -27.91 1.22 15.71
CA ASN C 153 -27.71 2.15 14.58
C ASN C 153 -28.17 1.50 13.28
N LEU C 154 -29.15 2.11 12.62
CA LEU C 154 -29.76 1.54 11.41
C LEU C 154 -28.81 1.45 10.20
N HIS C 155 -27.68 2.21 10.18
CA HIS C 155 -26.70 2.11 9.06
C HIS C 155 -25.94 0.77 9.08
N GLY C 156 -26.10 0.00 10.17
CA GLY C 156 -25.46 -1.30 10.32
C GLY C 156 -26.39 -2.44 9.99
N GLN C 157 -27.62 -2.07 9.56
CA GLN C 157 -28.68 -3.01 9.25
C GLN C 157 -29.33 -2.87 7.83
N PRO C 158 -28.96 -1.94 6.90
CA PRO C 158 -29.76 -1.77 5.66
C PRO C 158 -30.04 -3.03 4.84
N VAL C 159 -29.05 -3.90 4.69
CA VAL C 159 -29.19 -5.09 3.88
C VAL C 159 -30.22 -6.09 4.46
N SER C 160 -30.45 -6.11 5.81
CA SER C 160 -31.45 -7.03 6.38
C SER C 160 -32.86 -6.76 5.84
N PHE C 161 -33.24 -5.47 5.69
CA PHE C 161 -34.55 -5.04 5.19
C PHE C 161 -34.75 -5.28 3.69
N LEU C 162 -33.64 -5.44 2.93
CA LEU C 162 -33.70 -5.62 1.48
C LEU C 162 -33.63 -7.06 1.02
N LEU C 163 -33.03 -7.93 1.84
CA LEU C 163 -32.80 -9.33 1.49
C LEU C 163 -34.06 -10.21 1.60
N ARG C 164 -34.45 -10.86 0.48
CA ARG C 164 -35.64 -11.72 0.37
C ARG C 164 -35.63 -12.90 1.33
N GLU C 165 -34.52 -13.67 1.35
CA GLU C 165 -34.33 -14.86 2.18
C GLU C 165 -34.33 -14.60 3.70
N LEU C 166 -34.13 -13.33 4.12
CA LEU C 166 -34.06 -12.89 5.52
C LEU C 166 -35.38 -12.36 6.12
N GLN C 167 -36.46 -12.25 5.31
CA GLN C 167 -37.76 -11.67 5.72
C GLN C 167 -38.32 -12.19 7.06
N ASP C 168 -38.30 -13.51 7.28
CA ASP C 168 -38.84 -14.12 8.51
C ASP C 168 -38.02 -13.80 9.80
N LYS C 169 -36.78 -13.27 9.66
CA LYS C 169 -35.93 -12.93 10.80
C LYS C 169 -35.94 -11.42 11.07
N VAL C 170 -36.65 -10.65 10.23
CA VAL C 170 -36.73 -9.18 10.37
C VAL C 170 -38.10 -8.76 10.93
N PRO C 171 -38.14 -8.12 12.13
CA PRO C 171 -39.43 -7.66 12.67
C PRO C 171 -39.89 -6.38 11.95
N GLN C 172 -41.20 -6.10 11.90
CA GLN C 172 -41.69 -4.90 11.23
C GLN C 172 -41.53 -3.68 12.13
N LEU C 173 -40.65 -2.76 11.71
CA LEU C 173 -40.33 -1.53 12.45
C LEU C 173 -41.26 -0.38 12.08
N PRO C 174 -41.48 0.62 12.98
CA PRO C 174 -42.36 1.75 12.62
C PRO C 174 -41.75 2.62 11.53
N GLY C 175 -42.47 2.74 10.41
CA GLY C 175 -42.06 3.51 9.24
C GLY C 175 -41.29 2.68 8.23
N PHE C 176 -41.29 1.34 8.41
CA PHE C 176 -40.57 0.38 7.57
C PHE C 176 -41.49 -0.59 6.82
N SER C 177 -42.82 -0.44 6.96
CA SER C 177 -43.81 -1.33 6.31
C SER C 177 -43.80 -1.26 4.78
N TRP C 178 -43.51 -0.07 4.21
CA TRP C 178 -43.46 0.18 2.77
C TRP C 178 -42.41 -0.66 2.01
N ILE C 179 -41.34 -1.08 2.71
CA ILE C 179 -40.23 -1.86 2.16
C ILE C 179 -40.64 -3.28 1.80
N LYS C 180 -40.50 -3.63 0.52
CA LYS C 180 -40.76 -4.96 -0.02
C LYS C 180 -39.38 -5.59 -0.29
N PRO C 181 -39.00 -6.72 0.36
CA PRO C 181 -37.68 -7.32 0.07
C PRO C 181 -37.52 -7.59 -1.43
N CYS C 182 -36.55 -6.89 -2.05
CA CYS C 182 -36.34 -6.92 -3.50
C CYS C 182 -35.12 -7.73 -3.95
N ILE C 183 -34.00 -7.67 -3.21
CA ILE C 183 -32.78 -8.39 -3.62
C ILE C 183 -32.69 -9.78 -3.00
N SER C 184 -32.32 -10.78 -3.82
CA SER C 184 -32.10 -12.16 -3.39
C SER C 184 -30.63 -12.33 -2.98
N SER C 185 -30.32 -13.39 -2.21
CA SER C 185 -28.97 -13.67 -1.70
C SER C 185 -27.91 -13.86 -2.81
N ALA C 186 -28.29 -14.44 -3.97
CA ALA C 186 -27.38 -14.65 -5.09
C ALA C 186 -27.13 -13.38 -5.93
N SER C 187 -27.84 -12.27 -5.64
CA SER C 187 -27.77 -11.00 -6.39
C SER C 187 -27.04 -9.87 -5.68
N ILE C 188 -26.33 -10.17 -4.58
CA ILE C 188 -25.53 -9.17 -3.86
C ILE C 188 -24.13 -9.76 -3.65
N VAL C 189 -23.08 -8.99 -4.01
CA VAL C 189 -21.68 -9.39 -3.77
C VAL C 189 -21.02 -8.27 -2.96
N TYR C 190 -20.36 -8.62 -1.82
CA TYR C 190 -19.63 -7.62 -1.03
C TYR C 190 -18.15 -7.63 -1.44
N ILE C 191 -17.53 -6.47 -1.35
CA ILE C 191 -16.09 -6.28 -1.59
C ILE C 191 -15.54 -5.39 -0.52
N GLY C 192 -14.46 -5.83 0.13
CA GLY C 192 -13.75 -4.99 1.11
C GLY C 192 -13.92 -5.31 2.57
N LEU C 193 -14.71 -6.36 2.90
CA LEU C 193 -15.07 -6.72 4.28
C LEU C 193 -13.87 -6.97 5.17
N ARG C 194 -13.93 -6.37 6.37
CA ARG C 194 -12.87 -6.54 7.37
C ARG C 194 -13.34 -6.34 8.81
N ASP C 195 -14.61 -5.93 9.02
CA ASP C 195 -15.14 -5.75 10.38
C ASP C 195 -16.58 -6.29 10.40
N VAL C 196 -16.69 -7.63 10.46
CA VAL C 196 -17.95 -8.38 10.35
C VAL C 196 -18.34 -8.95 11.73
N ASP C 197 -19.53 -8.56 12.24
CA ASP C 197 -20.01 -9.04 13.55
C ASP C 197 -20.35 -10.52 13.47
N PRO C 198 -20.26 -11.29 14.59
CA PRO C 198 -20.60 -12.74 14.50
C PRO C 198 -21.97 -13.09 13.89
N PRO C 199 -23.10 -12.39 14.20
CA PRO C 199 -24.37 -12.73 13.53
C PRO C 199 -24.33 -12.45 12.01
N GLU C 200 -23.54 -11.44 11.59
CA GLU C 200 -23.36 -11.11 10.17
C GLU C 200 -22.59 -12.21 9.46
N HIS C 201 -21.52 -12.75 10.08
CA HIS C 201 -20.79 -13.86 9.48
C HIS C 201 -21.72 -15.05 9.33
N PHE C 202 -22.55 -15.32 10.38
CA PHE C 202 -23.53 -16.40 10.36
C PHE C 202 -24.47 -16.26 9.15
N ILE C 203 -25.01 -15.03 8.94
CA ILE C 203 -25.94 -14.67 7.84
C ILE C 203 -25.27 -14.90 6.49
N LEU C 204 -24.08 -14.32 6.29
CA LEU C 204 -23.33 -14.49 5.03
C LEU C 204 -23.14 -15.96 4.68
N LYS C 205 -22.68 -16.77 5.65
CA LYS C 205 -22.41 -18.20 5.46
C LYS C 205 -23.65 -19.07 5.31
N ASN C 206 -24.69 -18.83 6.11
CA ASN C 206 -25.88 -19.70 6.06
C ASN C 206 -26.83 -19.34 4.91
N TYR C 207 -26.83 -18.08 4.45
CA TYR C 207 -27.66 -17.62 3.33
C TYR C 207 -26.91 -17.62 1.96
N ASP C 208 -25.66 -18.17 1.92
CA ASP C 208 -24.82 -18.28 0.72
C ASP C 208 -24.50 -16.94 0.03
N ILE C 209 -24.37 -15.83 0.80
CA ILE C 209 -24.06 -14.51 0.24
C ILE C 209 -22.56 -14.46 -0.03
N GLN C 210 -22.19 -14.32 -1.31
CA GLN C 210 -20.80 -14.30 -1.73
C GLN C 210 -20.13 -12.99 -1.38
N TYR C 211 -18.86 -13.07 -0.93
CA TYR C 211 -18.14 -11.85 -0.56
C TYR C 211 -16.65 -12.03 -0.80
N PHE C 212 -15.98 -10.91 -1.04
CA PHE C 212 -14.53 -10.85 -1.21
C PHE C 212 -14.02 -9.96 -0.10
N SER C 213 -13.62 -10.57 1.02
CA SER C 213 -13.07 -9.81 2.15
C SER C 213 -11.70 -9.24 1.74
N MET C 214 -11.10 -8.43 2.62
CA MET C 214 -9.73 -7.93 2.38
C MET C 214 -8.75 -9.10 2.22
N ARG C 215 -9.01 -10.23 2.93
CA ARG C 215 -8.14 -11.41 2.84
C ARG C 215 -8.28 -12.07 1.44
N ASP C 216 -9.51 -12.09 0.86
CA ASP C 216 -9.71 -12.61 -0.50
C ASP C 216 -8.98 -11.71 -1.50
N ILE C 217 -8.99 -10.37 -1.29
CA ILE C 217 -8.27 -9.42 -2.14
C ILE C 217 -6.75 -9.67 -2.04
N ASP C 218 -6.23 -9.90 -0.80
CA ASP C 218 -4.81 -10.18 -0.58
C ASP C 218 -4.39 -11.42 -1.36
N ARG C 219 -5.29 -12.41 -1.46
CA ARG C 219 -4.99 -13.67 -2.15
C ARG C 219 -5.09 -13.58 -3.67
N LEU C 220 -6.25 -13.15 -4.15
CA LEU C 220 -6.58 -13.06 -5.57
C LEU C 220 -6.07 -11.88 -6.32
N GLY C 221 -6.04 -10.72 -5.67
CA GLY C 221 -5.79 -9.46 -6.31
C GLY C 221 -7.11 -8.89 -6.81
N ILE C 222 -7.22 -7.55 -6.84
CA ILE C 222 -8.48 -6.89 -7.23
C ILE C 222 -8.97 -7.27 -8.67
N GLN C 223 -8.06 -7.54 -9.63
CA GLN C 223 -8.51 -7.91 -11.00
C GLN C 223 -9.36 -9.19 -10.96
N LYS C 224 -8.82 -10.24 -10.31
CA LYS C 224 -9.56 -11.50 -10.16
C LYS C 224 -10.83 -11.36 -9.34
N VAL C 225 -10.82 -10.47 -8.31
CA VAL C 225 -12.01 -10.22 -7.48
C VAL C 225 -13.16 -9.68 -8.36
N MET C 226 -12.84 -8.71 -9.23
CA MET C 226 -13.83 -8.13 -10.14
C MET C 226 -14.35 -9.14 -11.15
N GLU C 227 -13.46 -9.97 -11.71
CA GLU C 227 -13.84 -11.01 -12.67
C GLU C 227 -14.83 -11.97 -12.05
N ARG C 228 -14.51 -12.44 -10.83
CA ARG C 228 -15.36 -13.36 -10.08
C ARG C 228 -16.68 -12.72 -9.63
N THR C 229 -16.67 -11.43 -9.24
CA THR C 229 -17.85 -10.65 -8.86
C THR C 229 -18.86 -10.63 -10.06
N PHE C 230 -18.35 -10.26 -11.25
CA PHE C 230 -19.18 -10.21 -12.46
C PHE C 230 -19.62 -11.60 -12.91
N ASP C 231 -18.78 -12.63 -12.71
CA ASP C 231 -19.15 -14.01 -13.01
C ASP C 231 -20.39 -14.41 -12.18
N LEU C 232 -20.40 -14.03 -10.89
CA LEU C 232 -21.49 -14.36 -9.98
C LEU C 232 -22.77 -13.64 -10.29
N LEU C 233 -22.67 -12.33 -10.59
CA LEU C 233 -23.83 -11.47 -10.81
C LEU C 233 -24.34 -11.48 -12.24
N ILE C 234 -23.45 -11.31 -13.24
CA ILE C 234 -23.82 -11.19 -14.66
C ILE C 234 -23.21 -12.28 -15.56
N GLY C 235 -22.89 -13.44 -15.00
CA GLY C 235 -22.34 -14.57 -15.73
C GLY C 235 -23.32 -15.26 -16.67
N LYS C 236 -24.61 -15.18 -16.33
CA LYS C 236 -25.69 -15.81 -17.09
C LYS C 236 -26.39 -14.85 -18.04
N ARG C 237 -26.45 -13.55 -17.69
CA ARG C 237 -27.10 -12.49 -18.48
C ARG C 237 -26.70 -11.11 -17.98
N GLN C 238 -26.91 -10.08 -18.81
CA GLN C 238 -26.67 -8.68 -18.46
C GLN C 238 -27.80 -8.21 -17.54
N ARG C 239 -27.45 -7.43 -16.51
CA ARG C 239 -28.37 -6.94 -15.49
C ARG C 239 -28.05 -5.51 -15.09
N PRO C 240 -29.03 -4.70 -14.61
CA PRO C 240 -28.69 -3.36 -14.13
C PRO C 240 -27.84 -3.51 -12.86
N ILE C 241 -26.79 -2.68 -12.73
CA ILE C 241 -25.91 -2.71 -11.56
C ILE C 241 -26.16 -1.55 -10.63
N HIS C 242 -26.26 -1.85 -9.31
CA HIS C 242 -26.39 -0.86 -8.28
C HIS C 242 -25.07 -0.95 -7.49
N LEU C 243 -24.29 0.13 -7.49
CA LEU C 243 -23.02 0.17 -6.76
C LEU C 243 -23.21 0.97 -5.48
N SER C 244 -23.25 0.26 -4.36
CA SER C 244 -23.38 0.91 -3.07
C SER C 244 -22.03 0.96 -2.42
N PHE C 245 -21.44 2.15 -2.42
CA PHE C 245 -20.06 2.40 -2.01
C PHE C 245 -19.93 3.23 -0.74
N ASP C 246 -19.46 2.53 0.32
CA ASP C 246 -19.19 3.18 1.60
C ASP C 246 -17.74 3.63 1.55
N ILE C 247 -17.47 4.92 1.80
CA ILE C 247 -16.11 5.50 1.75
C ILE C 247 -15.15 4.76 2.72
N ASP C 248 -15.71 4.17 3.81
CA ASP C 248 -14.89 3.44 4.78
C ASP C 248 -14.31 2.14 4.20
N ALA C 249 -14.68 1.74 2.96
CA ALA C 249 -14.04 0.56 2.31
C ALA C 249 -12.54 0.85 2.17
N PHE C 250 -12.18 2.14 1.94
CA PHE C 250 -10.79 2.57 1.76
C PHE C 250 -10.08 2.58 3.10
N ASP C 251 -8.76 2.39 3.06
CA ASP C 251 -7.98 2.48 4.29
C ASP C 251 -8.21 3.85 4.94
N PRO C 252 -8.29 3.91 6.29
CA PRO C 252 -8.48 5.22 6.97
C PRO C 252 -7.41 6.26 6.69
N THR C 253 -6.21 5.87 6.22
CA THR C 253 -5.18 6.86 5.85
C THR C 253 -5.64 7.67 4.62
N LEU C 254 -6.47 7.06 3.75
CA LEU C 254 -6.99 7.66 2.53
C LEU C 254 -8.34 8.31 2.73
N ALA C 255 -9.20 7.71 3.58
CA ALA C 255 -10.56 8.17 3.88
C ALA C 255 -10.75 8.33 5.41
N PRO C 256 -10.06 9.31 6.07
CA PRO C 256 -10.21 9.45 7.53
C PRO C 256 -11.53 10.07 7.98
N ALA C 257 -12.17 10.92 7.16
CA ALA C 257 -13.43 11.60 7.53
C ALA C 257 -14.64 10.68 7.37
N THR C 258 -14.75 9.71 8.29
CA THR C 258 -15.77 8.67 8.32
C THR C 258 -15.99 8.16 9.76
N GLY C 259 -17.19 7.69 10.04
CA GLY C 259 -17.64 7.26 11.37
C GLY C 259 -17.05 6.01 11.98
N THR C 260 -16.91 4.95 11.16
CA THR C 260 -16.39 3.66 11.67
C THR C 260 -15.14 3.21 10.87
N PRO C 261 -13.99 3.93 11.02
CA PRO C 261 -12.79 3.55 10.26
C PRO C 261 -12.22 2.22 10.75
N VAL C 262 -11.66 1.43 9.81
CA VAL C 262 -11.10 0.10 10.13
C VAL C 262 -9.80 0.01 9.34
N VAL C 263 -8.66 -0.22 10.04
CA VAL C 263 -7.33 -0.29 9.40
C VAL C 263 -7.27 -1.48 8.41
N GLY C 264 -6.42 -1.36 7.39
CA GLY C 264 -6.16 -2.40 6.40
C GLY C 264 -7.20 -2.48 5.29
N GLY C 265 -7.61 -1.31 4.79
CA GLY C 265 -8.64 -1.30 3.75
C GLY C 265 -8.08 -1.25 2.34
N LEU C 266 -8.99 -0.93 1.42
CA LEU C 266 -8.62 -0.80 0.00
C LEU C 266 -7.61 0.33 -0.19
N THR C 267 -6.68 0.15 -1.14
CA THR C 267 -5.78 1.25 -1.52
C THR C 267 -6.59 2.13 -2.53
N TYR C 268 -6.06 3.30 -2.86
CA TYR C 268 -6.65 4.21 -3.85
C TYR C 268 -6.77 3.46 -5.18
N ARG C 269 -5.68 2.76 -5.57
CA ARG C 269 -5.63 1.99 -6.80
C ARG C 269 -6.68 0.90 -6.87
N GLU C 270 -6.88 0.16 -5.76
CA GLU C 270 -7.89 -0.89 -5.74
C GLU C 270 -9.30 -0.34 -5.90
N GLY C 271 -9.60 0.76 -5.21
CA GLY C 271 -10.91 1.39 -5.28
C GLY C 271 -11.21 1.92 -6.67
N MET C 272 -10.21 2.53 -7.31
CA MET C 272 -10.37 3.03 -8.68
C MET C 272 -10.62 1.88 -9.63
N TYR C 273 -9.89 0.78 -9.44
CA TYR C 273 -10.06 -0.41 -10.26
C TYR C 273 -11.48 -0.97 -10.19
N ILE C 274 -12.05 -1.03 -8.96
CA ILE C 274 -13.45 -1.50 -8.82
C ILE C 274 -14.38 -0.62 -9.70
N ALA C 275 -14.28 0.71 -9.53
CA ALA C 275 -15.12 1.67 -10.24
C ALA C 275 -14.93 1.58 -11.76
N GLU C 276 -13.66 1.42 -12.20
CA GLU C 276 -13.34 1.27 -13.64
C GLU C 276 -13.98 0.03 -14.23
N GLU C 277 -13.91 -1.10 -13.52
CA GLU C 277 -14.51 -2.35 -13.96
C GLU C 277 -16.03 -2.23 -14.04
N ILE C 278 -16.65 -1.58 -13.04
CA ILE C 278 -18.09 -1.29 -13.03
C ILE C 278 -18.43 -0.44 -14.29
N HIS C 279 -17.67 0.63 -14.55
CA HIS C 279 -17.87 1.47 -15.76
C HIS C 279 -17.77 0.62 -17.05
N ASN C 280 -16.74 -0.23 -17.15
CA ASN C 280 -16.46 -1.09 -18.29
C ASN C 280 -17.59 -2.07 -18.64
N THR C 281 -18.48 -2.41 -17.68
CA THR C 281 -19.60 -3.32 -18.01
C THR C 281 -20.63 -2.60 -18.88
N GLY C 282 -20.72 -1.29 -18.73
CA GLY C 282 -21.73 -0.43 -19.36
C GLY C 282 -23.11 -0.66 -18.75
N LEU C 283 -23.17 -1.36 -17.59
CA LEU C 283 -24.42 -1.74 -16.93
C LEU C 283 -24.77 -0.96 -15.66
N LEU C 284 -23.95 0.03 -15.26
CA LEU C 284 -24.22 0.85 -14.06
C LEU C 284 -25.51 1.67 -14.19
N SER C 285 -26.45 1.47 -13.23
CA SER C 285 -27.74 2.15 -13.23
C SER C 285 -27.94 3.11 -12.04
N ALA C 286 -27.31 2.80 -10.89
CA ALA C 286 -27.38 3.67 -9.72
C ALA C 286 -26.15 3.45 -8.87
N LEU C 287 -25.74 4.52 -8.18
CA LEU C 287 -24.56 4.58 -7.33
C LEU C 287 -24.84 5.36 -6.05
N ASP C 288 -24.40 4.80 -4.90
CA ASP C 288 -24.45 5.48 -3.62
C ASP C 288 -23.03 5.72 -3.18
N LEU C 289 -22.74 6.94 -2.76
CA LEU C 289 -21.45 7.28 -2.19
C LEU C 289 -21.77 7.78 -0.78
N VAL C 290 -21.55 6.89 0.22
CA VAL C 290 -21.96 7.21 1.59
C VAL C 290 -20.84 7.29 2.62
N GLU C 291 -21.19 7.85 3.81
CA GLU C 291 -20.42 7.91 5.05
C GLU C 291 -19.26 8.91 5.08
N VAL C 292 -19.25 9.90 4.17
CA VAL C 292 -18.29 10.98 4.24
C VAL C 292 -18.80 11.92 5.33
N ASN C 293 -17.98 12.14 6.37
CA ASN C 293 -18.31 12.99 7.51
C ASN C 293 -17.17 13.98 7.73
N PRO C 294 -17.24 15.19 7.11
CA PRO C 294 -16.12 16.14 7.22
C PRO C 294 -15.79 16.63 8.62
N GLN C 295 -16.73 16.50 9.58
CA GLN C 295 -16.57 16.90 10.98
C GLN C 295 -15.60 16.00 11.75
N LEU C 296 -15.53 14.70 11.36
CA LEU C 296 -14.67 13.72 12.03
C LEU C 296 -13.20 13.81 11.64
N ALA C 297 -12.88 14.70 10.67
CA ALA C 297 -11.51 14.97 10.24
C ALA C 297 -10.81 15.82 11.28
N THR C 298 -9.53 15.53 11.52
CA THR C 298 -8.71 16.25 12.50
C THR C 298 -8.22 17.60 11.95
N SER C 299 -8.22 17.74 10.60
CA SER C 299 -7.80 18.95 9.90
C SER C 299 -8.68 19.23 8.68
N GLU C 300 -8.47 20.39 8.04
CA GLU C 300 -9.17 20.82 6.83
C GLU C 300 -8.77 19.93 5.65
N GLU C 301 -7.45 19.63 5.50
CA GLU C 301 -6.92 18.79 4.42
C GLU C 301 -7.42 17.34 4.50
N GLU C 302 -7.62 16.81 5.73
CA GLU C 302 -8.16 15.47 5.97
C GLU C 302 -9.60 15.34 5.47
N ALA C 303 -10.41 16.41 5.64
CA ALA C 303 -11.81 16.44 5.17
C ALA C 303 -11.82 16.54 3.66
N LYS C 304 -10.98 17.44 3.10
CA LYS C 304 -10.82 17.66 1.67
C LYS C 304 -10.33 16.39 0.94
N THR C 305 -9.37 15.66 1.53
CA THR C 305 -8.82 14.40 0.99
C THR C 305 -9.95 13.38 0.81
N THR C 306 -10.80 13.20 1.84
CA THR C 306 -11.90 12.24 1.81
C THR C 306 -12.90 12.60 0.71
N ALA C 307 -13.28 13.89 0.63
CA ALA C 307 -14.22 14.41 -0.37
C ALA C 307 -13.65 14.26 -1.78
N ASN C 308 -12.34 14.53 -1.95
CA ASN C 308 -11.65 14.38 -3.23
C ASN C 308 -11.68 12.90 -3.65
N LEU C 309 -11.48 11.99 -2.69
CA LEU C 309 -11.54 10.54 -2.93
C LEU C 309 -12.97 10.12 -3.36
N ALA C 310 -14.02 10.68 -2.71
CA ALA C 310 -15.40 10.41 -3.04
C ALA C 310 -15.70 10.78 -4.52
N VAL C 311 -15.20 11.96 -4.96
CA VAL C 311 -15.33 12.46 -6.35
C VAL C 311 -14.65 11.48 -7.32
N ASP C 312 -13.42 11.04 -7.00
CA ASP C 312 -12.69 10.07 -7.85
C ASP C 312 -13.47 8.79 -8.06
N VAL C 313 -14.12 8.27 -6.99
CA VAL C 313 -14.93 7.06 -7.13
C VAL C 313 -16.08 7.28 -8.11
N ILE C 314 -16.85 8.35 -7.93
CA ILE C 314 -18.03 8.61 -8.76
C ILE C 314 -17.61 8.80 -10.22
N ALA C 315 -16.60 9.63 -10.46
CA ALA C 315 -16.02 9.94 -11.78
C ALA C 315 -15.53 8.68 -12.50
N SER C 316 -14.80 7.80 -11.78
CA SER C 316 -14.32 6.53 -12.35
C SER C 316 -15.45 5.58 -12.70
N SER C 317 -16.58 5.64 -11.94
CA SER C 317 -17.72 4.81 -12.22
C SER C 317 -18.44 5.28 -13.51
N PHE C 318 -18.20 6.53 -13.93
CA PHE C 318 -18.78 7.11 -15.15
C PHE C 318 -17.76 7.36 -16.29
N GLY C 319 -16.57 6.79 -16.19
CA GLY C 319 -15.64 6.92 -17.31
C GLY C 319 -14.25 7.45 -17.05
N GLN C 320 -14.00 8.13 -15.92
CA GLN C 320 -12.65 8.60 -15.62
C GLN C 320 -11.69 7.38 -15.60
N THR C 321 -10.57 7.49 -16.33
CA THR C 321 -9.59 6.41 -16.41
C THR C 321 -8.24 6.98 -15.95
N ARG C 322 -7.28 6.10 -15.80
CA ARG C 322 -5.91 6.46 -15.45
C ARG C 322 -5.03 6.33 -16.72
N GLU C 323 -5.66 6.33 -17.91
CA GLU C 323 -4.98 6.22 -19.21
C GLU C 323 -5.46 7.29 -20.19
N GLY C 324 -6.42 8.11 -19.75
CA GLY C 324 -7.00 9.20 -20.52
C GLY C 324 -7.80 8.81 -21.74
N GLY C 325 -8.43 7.63 -21.71
CA GLY C 325 -9.22 7.14 -22.84
C GLY C 325 -10.70 7.46 -22.81
N HIS C 326 -11.12 8.38 -21.93
CA HIS C 326 -12.53 8.77 -21.77
C HIS C 326 -13.11 9.54 -22.98
N ILE C 327 -12.34 10.51 -23.52
CA ILE C 327 -12.69 11.38 -24.66
C ILE C 327 -12.30 10.73 -26.01
N VAL C 328 -13.20 10.82 -26.99
CA VAL C 328 -12.96 10.33 -28.35
C VAL C 328 -11.96 11.31 -29.01
N TYR C 329 -10.83 10.76 -29.49
CA TYR C 329 -9.78 11.53 -30.17
C TYR C 329 -9.29 10.63 -31.31
N ASP C 330 -9.40 11.09 -32.56
CA ASP C 330 -9.01 10.22 -33.67
C ASP C 330 -8.15 10.89 -34.75
N GLN C 331 -7.77 12.18 -34.56
CA GLN C 331 -6.89 12.85 -35.53
C GLN C 331 -5.94 13.85 -34.88
N LEU C 332 -4.65 13.74 -35.20
CA LEU C 332 -3.68 14.66 -34.65
C LEU C 332 -3.60 15.96 -35.47
N PRO C 333 -3.43 17.12 -34.82
CA PRO C 333 -3.22 18.35 -35.57
C PRO C 333 -1.87 18.30 -36.29
N THR C 334 -1.78 18.90 -37.49
CA THR C 334 -0.59 18.93 -38.34
C THR C 334 -0.04 20.37 -38.48
N PRO C 335 1.31 20.55 -38.46
CA PRO C 335 1.89 21.90 -38.52
C PRO C 335 1.80 22.61 -39.87
MN MN D . 7.73 13.90 -16.51
MN MN E . 5.27 13.61 -14.33
C7 A1H0B F . 0.88 17.75 -17.59
C9 A1H0B F . 0.09 16.51 -17.12
C10 A1H0B F . -0.33 15.78 -18.43
C12 A1H0B F . 0.06 18.10 -18.86
C14 A1H0B F . 0.76 19.08 -19.77
O1 A1H0B F . 5.52 16.35 -14.46
B2 A1H0B F . 5.35 16.03 -15.83
O3 A1H0B F . 5.73 14.75 -16.26
C4 A1H0B F . 4.71 17.05 -16.85
C5 A1H0B F . 3.21 17.25 -16.55
C6 A1H0B F . 2.38 17.45 -17.84
N11 A1H0B F . -0.19 16.79 -19.51
O15 A1H0B F . 0.98 18.81 -20.92
O16 A1H0B F . 1.15 20.24 -19.25
H8 A1H0B F . 0.77 18.56 -16.88
H13 A1H0B F . -0.89 18.54 -18.57
MN MN G . 14.77 -8.86 15.10
MN MN H . 14.39 -6.19 13.15
C7 A1H0B I . 20.97 -4.36 13.20
C9 A1H0B I . 20.39 -4.25 11.78
C10 A1H0B I . 21.11 -5.35 10.95
C12 A1H0B I . 22.43 -4.74 12.84
C14 A1H0B I . 23.23 -5.27 14.00
O1 A1H0B I . 15.70 -5.20 15.25
B2 A1H0B I . 16.59 -6.23 14.93
O3 A1H0B I . 16.10 -7.27 14.10
C4 A1H0B I . 18.12 -6.16 15.28
C5 A1H0B I . 18.75 -5.16 14.29
C6 A1H0B I . 20.25 -5.41 14.09
N11 A1H0B I . 22.30 -5.77 11.76
O15 A1H0B I . 23.78 -6.35 13.96
O16 A1H0B I . 23.34 -4.52 15.06
H8 A1H0B I . 20.96 -3.38 13.69
H13 A1H0B I . 22.95 -3.87 12.44
MN MN J . -21.85 0.86 5.11
MN MN K . -18.86 0.76 6.57
C7 A1H0B L . -21.08 -1.32 12.63
C9 A1H0B L . -19.80 -2.14 12.29
C10 A1H0B L . -20.32 -3.58 12.06
C12 A1H0B L . -21.80 -2.38 13.49
C14 A1H0B L . -23.25 -2.05 13.76
O1 A1H0B L . -20.34 2.36 8.27
B2 A1H0B L . -21.09 1.16 8.22
O3 A1H0B L . -20.96 0.34 7.10
C4 A1H0B L . -22.02 0.66 9.38
C5 A1H0B L . -21.12 0.13 10.51
C6 A1H0B L . -21.88 -0.89 11.38
N11 A1H0B L . -21.64 -3.66 12.76
O15 A1H0B L . -23.53 -0.87 14.33
O16 A1H0B L . -24.14 -2.81 13.48
H8 A1H0B L . -20.81 -0.46 13.24
H13 A1H0B L . -21.29 -2.46 14.45
#